data_4LRF
#
_entry.id   4LRF
#
_cell.length_a   90.922
_cell.length_b   76.770
_cell.length_c   107.530
_cell.angle_alpha   90.00
_cell.angle_beta   108.72
_cell.angle_gamma   90.00
#
_symmetry.space_group_name_H-M   'P 1 21 1'
#
loop_
_entity.id
_entity.type
_entity.pdbx_description
1 polymer Phosphopentomutase
2 non-polymer 'MANGANESE (II) ION'
3 non-polymer GLYCEROL
4 non-polymer 5-O-phosphono-alpha-D-ribofuranose
5 water water
#
_entity_poly.entity_id   1
_entity_poly.type   'polypeptide(L)'
_entity_poly.pdbx_seq_one_letter_code
;MGSSHHHHHHSSGLVPRGSHMASNKYKRIFLVVMDSVGIGEAPDAEQFGDLGSDTIGHIAEHMNGLQMPNMVKLGLGNIR
EMKGISKVEKPLGYYTKMQEKSTGKD(TPO)MTGHWEIMGLYIDTPFQVFPEGFPKELLDELEEKTGRKIIGNKPASGTE
ILDELGQEQMETGSLIVYTGADSVLQIAAHEEVVPLDELYKICKIARELTLDEKYMVGRVIARPFVGEPGNFTRTPNRHD
YALKPFGRTVMNELKDSDYDVIAIGKISDIYDGEGVTESLRTKSNMDGMDKLVDTLNMDFTGLSFLNLVDFDALFGHRRD
PQGYGEALQEYDARLPEVFAKLKEDDLLLITADHGNDPIHPGTDHTREYVPLLAYSPSMKEGGQELPLRQTFADIGATVA
ENFGVKMPEYGTSFLNELKK
;
_entity_poly.pdbx_strand_id   A,B,C
#
# COMPACT_ATOMS: atom_id res chain seq x y z
N ASN A 24 9.22 31.32 -32.49
CA ASN A 24 9.78 32.03 -31.30
C ASN A 24 11.23 32.45 -31.55
N LYS A 25 11.60 33.62 -31.05
CA LYS A 25 12.99 34.04 -31.06
C LYS A 25 13.81 33.15 -30.12
N TYR A 26 13.29 32.95 -28.90
CA TYR A 26 13.87 32.01 -27.93
C TYR A 26 12.90 30.85 -27.66
N LYS A 27 13.43 29.64 -27.66
CA LYS A 27 12.64 28.45 -27.35
C LYS A 27 12.40 28.36 -25.84
N ARG A 28 13.41 28.73 -25.07
CA ARG A 28 13.35 28.65 -23.62
C ARG A 28 13.86 29.94 -22.98
N ILE A 29 13.14 30.40 -21.96
CA ILE A 29 13.60 31.53 -21.17
C ILE A 29 13.73 31.08 -19.73
N PHE A 30 14.92 31.29 -19.18
CA PHE A 30 15.25 30.99 -17.79
C PHE A 30 15.28 32.31 -17.03
N LEU A 31 14.32 32.47 -16.13
CA LEU A 31 14.20 33.70 -15.35
C LEU A 31 14.57 33.38 -13.91
N VAL A 32 15.57 34.10 -13.42
CA VAL A 32 16.08 33.92 -12.05
C VAL A 32 15.83 35.19 -11.24
N VAL A 33 15.02 35.07 -10.19
CA VAL A 33 14.88 36.15 -9.23
C VAL A 33 15.80 35.88 -8.03
N MET A 34 16.78 36.76 -7.86
CA MET A 34 17.62 36.74 -6.67
C MET A 34 16.82 37.55 -5.68
N ASP A 35 16.14 36.87 -4.78
CA ASP A 35 15.11 37.54 -3.99
C ASP A 35 15.72 38.59 -3.06
N SER A 36 15.24 39.83 -3.20
CA SER A 36 15.68 40.98 -2.35
C SER A 36 17.02 41.62 -2.71
N VAL A 37 17.63 41.18 -3.80
CA VAL A 37 18.95 41.65 -4.18
C VAL A 37 18.89 43.01 -4.91
N GLY A 38 18.68 44.06 -4.11
CA GLY A 38 18.48 45.43 -4.62
C GLY A 38 19.79 46.10 -5.03
N ILE A 39 19.70 47.10 -5.90
CA ILE A 39 20.89 47.75 -6.41
C ILE A 39 20.85 49.26 -6.15
N GLY A 40 20.21 49.65 -5.05
CA GLY A 40 20.24 51.04 -4.59
C GLY A 40 18.87 51.68 -4.52
N GLU A 41 18.70 52.58 -3.56
CA GLU A 41 17.42 53.23 -3.30
C GLU A 41 16.71 53.73 -4.56
N ALA A 42 15.41 53.48 -4.64
CA ALA A 42 14.61 53.92 -5.79
C ALA A 42 14.24 55.41 -5.66
N PRO A 43 13.74 56.04 -6.75
CA PRO A 43 13.37 57.45 -6.66
C PRO A 43 12.33 57.76 -5.58
N ASP A 44 11.47 56.80 -5.25
CA ASP A 44 10.43 57.03 -4.22
C ASP A 44 10.78 56.43 -2.84
N ALA A 45 12.08 56.19 -2.59
CA ALA A 45 12.51 55.54 -1.35
C ALA A 45 12.14 56.28 -0.06
N GLU A 46 12.07 57.61 -0.12
CA GLU A 46 11.76 58.41 1.09
C GLU A 46 10.37 58.12 1.67
N GLN A 47 9.39 57.88 0.79
CA GLN A 47 8.02 57.50 1.17
C GLN A 47 7.99 56.26 2.05
N PHE A 48 8.97 55.39 1.86
CA PHE A 48 9.02 54.08 2.52
C PHE A 48 9.99 54.02 3.68
N GLY A 49 10.60 55.15 4.03
CA GLY A 49 11.68 55.18 5.02
C GLY A 49 12.92 54.42 4.57
N ASP A 50 13.22 54.48 3.28
CA ASP A 50 14.36 53.72 2.73
C ASP A 50 15.46 54.60 2.11
N LEU A 51 15.54 55.86 2.50
CA LEU A 51 16.69 56.69 2.09
C LEU A 51 17.96 56.02 2.57
N GLY A 52 18.98 56.00 1.70
CA GLY A 52 20.27 55.43 2.04
C GLY A 52 20.39 53.95 1.68
N SER A 53 19.28 53.28 1.38
CA SER A 53 19.33 51.84 1.13
C SER A 53 20.14 51.47 -0.13
N ASP A 54 20.83 50.34 -0.02
CA ASP A 54 21.70 49.85 -1.08
C ASP A 54 22.11 48.43 -0.70
N THR A 55 21.29 47.45 -1.10
CA THR A 55 21.56 46.05 -0.75
C THR A 55 22.93 45.56 -1.24
N ILE A 56 23.17 45.49 -2.55
CA ILE A 56 24.44 44.96 -3.04
C ILE A 56 25.63 45.84 -2.59
N GLY A 57 25.46 47.17 -2.71
CA GLY A 57 26.54 48.10 -2.40
C GLY A 57 27.00 48.04 -0.96
N HIS A 58 26.05 47.93 -0.02
CA HIS A 58 26.43 47.85 1.40
C HIS A 58 27.09 46.53 1.73
N ILE A 59 26.58 45.44 1.14
CA ILE A 59 27.20 44.12 1.28
C ILE A 59 28.62 44.12 0.72
N ALA A 60 28.81 44.69 -0.47
CA ALA A 60 30.14 44.80 -1.09
C ALA A 60 31.11 45.54 -0.17
N GLU A 61 30.65 46.61 0.48
CA GLU A 61 31.49 47.34 1.41
C GLU A 61 31.84 46.49 2.62
N HIS A 62 30.85 45.81 3.18
CA HIS A 62 31.08 44.93 4.33
C HIS A 62 32.09 43.83 4.00
N MET A 63 32.00 43.26 2.79
CA MET A 63 32.86 42.14 2.38
C MET A 63 34.27 42.60 1.99
N ASN A 64 34.51 43.91 2.06
CA ASN A 64 35.72 44.51 1.52
C ASN A 64 35.93 44.09 0.06
N GLY A 65 34.84 44.13 -0.71
CA GLY A 65 34.87 43.72 -2.11
C GLY A 65 34.17 42.38 -2.26
N LEU A 66 33.01 42.39 -2.91
CA LEU A 66 32.33 41.13 -3.24
C LEU A 66 33.05 40.42 -4.37
N GLN A 67 33.11 39.08 -4.29
CA GLN A 67 33.68 38.29 -5.39
C GLN A 67 32.55 37.65 -6.21
N MET A 68 32.13 38.35 -7.25
CA MET A 68 31.08 37.85 -8.13
C MET A 68 31.55 37.99 -9.59
N PRO A 69 32.63 37.27 -9.97
CA PRO A 69 33.23 37.44 -11.29
C PRO A 69 32.30 37.09 -12.45
N ASN A 70 31.34 36.19 -12.22
CA ASN A 70 30.43 35.78 -13.29
C ASN A 70 29.32 36.77 -13.58
N MET A 71 28.70 37.27 -12.50
CA MET A 71 27.81 38.42 -12.61
C MET A 71 28.51 39.65 -13.23
N VAL A 72 29.78 39.87 -12.87
CA VAL A 72 30.62 40.93 -13.47
C VAL A 72 30.76 40.72 -14.98
N LYS A 73 31.07 39.49 -15.39
CA LYS A 73 31.18 39.16 -16.81
C LYS A 73 29.89 39.40 -17.59
N LEU A 74 28.75 39.22 -16.92
CA LEU A 74 27.45 39.47 -17.53
C LEU A 74 27.15 40.95 -17.68
N GLY A 75 27.75 41.75 -16.79
CA GLY A 75 27.63 43.20 -16.85
C GLY A 75 27.06 43.86 -15.60
N LEU A 76 27.10 43.16 -14.46
CA LEU A 76 26.60 43.73 -13.20
C LEU A 76 27.24 45.10 -12.92
N GLY A 77 28.56 45.19 -13.05
CA GLY A 77 29.28 46.44 -12.79
C GLY A 77 28.98 47.55 -13.79
N ASN A 78 28.62 47.14 -15.02
CA ASN A 78 28.16 48.08 -16.04
C ASN A 78 26.84 48.76 -15.63
N ILE A 79 26.02 48.07 -14.84
CA ILE A 79 24.81 48.69 -14.28
C ILE A 79 25.23 49.72 -13.26
N ARG A 80 26.09 49.30 -12.33
CA ARG A 80 26.58 50.16 -11.27
C ARG A 80 27.86 49.58 -10.69
N GLU A 81 28.93 50.38 -10.64
CA GLU A 81 30.16 49.90 -10.02
C GLU A 81 30.08 49.93 -8.50
N MET A 82 30.52 48.84 -7.88
CA MET A 82 30.46 48.68 -6.43
C MET A 82 31.75 48.00 -6.00
N LYS A 83 32.03 47.97 -4.70
CA LYS A 83 33.32 47.45 -4.24
C LYS A 83 33.54 45.99 -4.69
N GLY A 84 34.60 45.78 -5.47
CA GLY A 84 34.89 44.46 -6.04
C GLY A 84 34.10 44.10 -7.27
N ILE A 85 33.15 44.96 -7.65
CA ILE A 85 32.29 44.75 -8.81
C ILE A 85 32.50 45.88 -9.83
N SER A 86 33.36 45.61 -10.81
CA SER A 86 33.76 46.62 -11.79
C SER A 86 33.10 46.37 -13.14
N LYS A 87 32.99 47.43 -13.93
CA LYS A 87 32.41 47.32 -15.27
C LYS A 87 33.38 46.55 -16.18
N VAL A 88 32.84 45.96 -17.25
CA VAL A 88 33.65 45.27 -18.25
C VAL A 88 33.44 45.89 -19.62
N GLU A 89 34.47 45.84 -20.47
CA GLU A 89 34.40 46.43 -21.79
C GLU A 89 33.40 45.72 -22.69
N LYS A 90 33.29 44.40 -22.56
CA LYS A 90 32.40 43.61 -23.41
C LYS A 90 31.55 42.65 -22.57
N PRO A 91 30.48 43.17 -21.94
CA PRO A 91 29.62 42.29 -21.13
C PRO A 91 28.99 41.20 -21.98
N LEU A 92 28.80 40.02 -21.39
CA LEU A 92 28.28 38.84 -22.11
C LEU A 92 26.89 39.09 -22.67
N GLY A 93 26.08 39.83 -21.90
CA GLY A 93 24.72 40.12 -22.29
C GLY A 93 24.35 41.58 -22.06
N TYR A 94 23.05 41.85 -22.18
CA TYR A 94 22.52 43.21 -22.03
C TYR A 94 22.22 43.47 -20.57
N TYR A 95 22.17 44.73 -20.17
CA TYR A 95 22.09 45.11 -18.76
C TYR A 95 21.40 46.45 -18.58
N THR A 96 20.71 46.57 -17.44
CA THR A 96 20.13 47.83 -16.99
C THR A 96 19.61 47.60 -15.57
N LYS A 97 18.84 48.54 -15.06
CA LYS A 97 18.08 48.25 -13.85
C LYS A 97 16.59 48.48 -14.08
N MET A 98 15.78 48.07 -13.10
CA MET A 98 14.33 48.25 -13.20
C MET A 98 13.80 49.02 -12.01
N GLN A 99 12.78 49.83 -12.27
CA GLN A 99 12.13 50.62 -11.24
C GLN A 99 10.76 50.01 -10.98
N GLU A 100 10.41 49.89 -9.71
CA GLU A 100 9.10 49.37 -9.30
C GLU A 100 8.01 50.43 -9.39
N LYS A 101 6.88 50.08 -10.03
CA LYS A 101 5.78 51.02 -10.17
C LYS A 101 4.69 50.78 -9.13
N SER A 102 4.45 49.52 -8.78
CA SER A 102 3.44 49.18 -7.77
C SER A 102 3.74 49.83 -6.42
N THR A 103 2.73 49.94 -5.58
CA THR A 103 2.85 50.64 -4.31
C THR A 103 3.78 49.94 -3.32
N GLY A 104 3.67 48.61 -3.22
CA GLY A 104 4.37 47.86 -2.15
C GLY A 104 5.78 47.44 -2.52
N LYS A 105 6.55 47.03 -1.51
CA LYS A 105 7.93 46.57 -1.69
C LYS A 105 8.10 45.10 -1.23
N ASP A 106 6.98 44.37 -1.17
CA ASP A 106 6.94 42.97 -0.73
C ASP A 106 7.18 42.00 -1.91
N MET A 108 5.31 39.44 -3.12
CA MET A 108 4.14 39.23 -3.98
C MET A 108 3.96 40.37 -4.96
N THR A 109 3.99 41.61 -4.44
CA THR A 109 3.95 42.79 -5.30
C THR A 109 5.02 42.74 -6.41
N GLY A 110 6.28 42.54 -6.02
CA GLY A 110 7.40 42.47 -6.97
C GLY A 110 7.22 41.41 -8.05
N HIS A 111 6.88 40.19 -7.64
CA HIS A 111 6.63 39.09 -8.58
C HIS A 111 5.40 39.29 -9.46
N TRP A 112 4.31 39.80 -8.88
CA TRP A 112 3.12 40.05 -9.67
C TRP A 112 3.39 41.12 -10.75
N GLU A 113 4.17 42.13 -10.39
CA GLU A 113 4.56 43.16 -11.37
C GLU A 113 5.47 42.57 -12.46
N ILE A 114 6.46 41.78 -12.04
CA ILE A 114 7.36 41.12 -13.00
C ILE A 114 6.58 40.37 -14.08
N MET A 115 5.48 39.71 -13.69
CA MET A 115 4.69 38.95 -14.65
C MET A 115 3.51 39.73 -15.24
N GLY A 116 3.63 41.06 -15.29
CA GLY A 116 2.71 41.91 -16.06
C GLY A 116 1.60 42.66 -15.35
N LEU A 117 1.59 42.68 -14.02
CA LEU A 117 0.50 43.36 -13.31
C LEU A 117 0.91 44.73 -12.77
N TYR A 118 -0.07 45.47 -12.28
CA TYR A 118 0.18 46.68 -11.47
C TYR A 118 -0.64 46.56 -10.19
N ILE A 119 0.00 46.72 -9.04
CA ILE A 119 -0.64 46.46 -7.76
C ILE A 119 -0.68 47.76 -6.94
N ASP A 120 -1.88 48.32 -6.80
CA ASP A 120 -2.05 49.56 -6.04
C ASP A 120 -2.00 49.34 -4.53
N THR A 121 -2.53 48.22 -4.07
CA THR A 121 -2.74 47.99 -2.64
C THR A 121 -1.58 47.17 -2.07
N PRO A 122 -0.79 47.76 -1.16
CA PRO A 122 0.37 47.04 -0.62
C PRO A 122 -0.01 46.02 0.46
N PHE A 123 0.75 44.92 0.55
CA PHE A 123 0.63 44.01 1.69
C PHE A 123 1.32 44.61 2.92
N GLN A 124 0.76 44.36 4.09
CA GLN A 124 1.19 45.02 5.32
C GLN A 124 2.07 44.12 6.19
N VAL A 125 3.01 44.71 6.91
CA VAL A 125 3.77 43.98 7.95
C VAL A 125 3.40 44.55 9.31
N PHE A 126 3.55 43.75 10.36
CA PHE A 126 3.00 44.09 11.67
C PHE A 126 4.02 43.98 12.82
N PRO A 127 4.98 44.93 12.88
CA PRO A 127 6.02 44.89 13.91
C PRO A 127 5.52 44.94 15.36
N GLU A 128 4.28 45.38 15.58
CA GLU A 128 3.70 45.36 16.92
C GLU A 128 2.50 44.43 17.06
N GLY A 129 2.41 43.44 16.18
CA GLY A 129 1.29 42.52 16.20
C GLY A 129 0.10 43.07 15.44
N PHE A 130 -1.00 42.33 15.45
CA PHE A 130 -2.16 42.67 14.63
C PHE A 130 -3.13 43.55 15.41
N PRO A 131 -3.87 44.45 14.71
CA PRO A 131 -4.83 45.32 15.38
C PRO A 131 -5.90 44.53 16.12
N LYS A 132 -6.34 45.08 17.25
CA LYS A 132 -7.37 44.47 18.09
C LYS A 132 -8.59 44.08 17.26
N GLU A 133 -8.97 44.97 16.36
CA GLU A 133 -10.17 44.83 15.52
C GLU A 133 -10.18 43.53 14.73
N LEU A 134 -9.05 43.21 14.09
CA LEU A 134 -8.92 41.97 13.30
C LEU A 134 -9.04 40.73 14.19
N LEU A 135 -8.28 40.70 15.28
CA LEU A 135 -8.27 39.54 16.17
C LEU A 135 -9.60 39.34 16.89
N ASP A 136 -10.26 40.44 17.24
CA ASP A 136 -11.62 40.39 17.78
C ASP A 136 -12.59 39.69 16.82
N GLU A 137 -12.57 40.07 15.55
CA GLU A 137 -13.44 39.41 14.57
C GLU A 137 -13.10 37.94 14.34
N LEU A 138 -11.81 37.61 14.28
CA LEU A 138 -11.39 36.20 14.21
C LEU A 138 -11.88 35.39 15.43
N GLU A 139 -11.80 35.96 16.63
CA GLU A 139 -12.36 35.32 17.83
C GLU A 139 -13.88 35.14 17.72
N GLU A 140 -14.54 36.18 17.23
CA GLU A 140 -15.99 36.21 17.08
C GLU A 140 -16.50 35.14 16.10
N LYS A 141 -15.75 34.93 15.01
CA LYS A 141 -16.14 33.94 14.02
C LYS A 141 -15.79 32.49 14.39
N THR A 142 -14.76 32.30 15.21
CA THR A 142 -14.26 30.95 15.49
C THR A 142 -14.69 30.36 16.83
N GLY A 143 -15.07 31.22 17.78
CA GLY A 143 -15.37 30.77 19.15
C GLY A 143 -14.12 30.43 19.94
N ARG A 144 -12.98 30.90 19.46
CA ARG A 144 -11.69 30.61 20.08
C ARG A 144 -10.94 31.86 20.50
N LYS A 145 -10.24 31.75 21.63
CA LYS A 145 -9.41 32.83 22.15
C LYS A 145 -8.08 32.84 21.40
N ILE A 146 -7.49 34.03 21.29
CA ILE A 146 -6.20 34.20 20.63
C ILE A 146 -5.17 34.67 21.66
N ILE A 147 -4.00 34.02 21.68
CA ILE A 147 -2.90 34.45 22.56
C ILE A 147 -1.65 34.77 21.74
N GLY A 148 -0.76 35.57 22.32
CA GLY A 148 0.50 35.92 21.68
C GLY A 148 0.39 37.28 21.00
N ASN A 149 0.04 37.25 19.72
CA ASN A 149 -0.10 38.46 18.90
C ASN A 149 1.14 39.35 18.87
N LYS A 150 2.25 38.78 18.41
CA LYS A 150 3.52 39.50 18.38
C LYS A 150 4.45 38.91 17.35
N PRO A 151 5.43 39.70 16.88
CA PRO A 151 6.51 39.12 16.10
C PRO A 151 7.25 38.14 17.00
N ALA A 152 7.50 36.95 16.47
CA ALA A 152 8.20 35.91 17.21
C ALA A 152 8.75 34.87 16.25
N SER A 153 9.83 34.22 16.67
CA SER A 153 10.26 32.99 16.04
C SER A 153 9.19 31.94 16.34
N GLY A 154 8.83 31.18 15.31
CA GLY A 154 7.85 30.10 15.43
C GLY A 154 8.18 29.09 16.51
N THR A 155 9.46 28.74 16.64
CA THR A 155 9.88 27.77 17.65
C THR A 155 9.94 28.37 19.06
N GLU A 156 10.42 29.61 19.17
CA GLU A 156 10.49 30.30 20.46
C GLU A 156 9.10 30.51 21.09
N ILE A 157 8.12 30.92 20.27
CA ILE A 157 6.76 31.14 20.78
C ILE A 157 6.04 29.87 21.25
N LEU A 158 6.40 28.72 20.67
CA LEU A 158 5.93 27.41 21.14
C LEU A 158 6.43 27.10 22.54
N ASP A 159 7.71 27.39 22.79
CA ASP A 159 8.29 27.22 24.11
C ASP A 159 7.57 28.09 25.13
N GLU A 160 7.23 29.32 24.71
CA GLU A 160 6.62 30.30 25.61
C GLU A 160 5.14 30.01 25.90
N LEU A 161 4.39 29.68 24.85
CA LEU A 161 2.92 29.64 24.95
C LEU A 161 2.28 28.29 24.64
N GLY A 162 3.08 27.33 24.17
CA GLY A 162 2.56 26.02 23.77
C GLY A 162 1.81 25.29 24.86
N GLN A 163 2.30 25.37 26.10
CA GLN A 163 1.63 24.73 27.21
C GLN A 163 0.26 25.36 27.46
N GLU A 164 0.21 26.69 27.53
CA GLU A 164 -1.05 27.40 27.69
C GLU A 164 -2.03 27.06 26.54
N GLN A 165 -1.51 27.01 25.31
CA GLN A 165 -2.31 26.62 24.15
C GLN A 165 -2.97 25.24 24.35
N MET A 166 -2.18 24.27 24.82
CA MET A 166 -2.66 22.90 25.09
C MET A 166 -3.73 22.83 26.17
N GLU A 167 -3.57 23.63 27.23
CA GLU A 167 -4.48 23.59 28.38
C GLU A 167 -5.79 24.36 28.15
N THR A 168 -5.79 25.30 27.22
CA THR A 168 -6.93 26.21 27.05
C THR A 168 -7.66 26.04 25.71
N GLY A 169 -7.01 25.44 24.74
CA GLY A 169 -7.56 25.33 23.38
C GLY A 169 -7.59 26.65 22.63
N SER A 170 -6.77 27.60 23.10
CA SER A 170 -6.65 28.89 22.43
C SER A 170 -5.76 28.78 21.19
N LEU A 171 -5.60 29.87 20.47
CA LEU A 171 -4.79 29.86 19.24
C LEU A 171 -3.61 30.79 19.44
N ILE A 172 -2.41 30.27 19.17
CA ILE A 172 -1.22 31.11 19.13
C ILE A 172 -1.16 31.79 17.77
N VAL A 173 -1.37 33.11 17.77
CA VAL A 173 -1.24 33.91 16.55
C VAL A 173 0.01 34.75 16.67
N TYR A 174 0.82 34.72 15.62
CA TYR A 174 2.05 35.48 15.60
C TYR A 174 2.44 35.88 14.17
N THR A 175 3.48 36.70 14.09
CA THR A 175 3.94 37.22 12.80
C THR A 175 5.47 37.23 12.80
N GLY A 176 6.07 37.72 11.71
CA GLY A 176 7.51 37.85 11.63
C GLY A 176 7.88 39.10 10.87
N ALA A 177 9.06 39.13 10.29
CA ALA A 177 9.50 40.29 9.50
C ALA A 177 8.73 40.46 8.19
N ASP A 178 8.20 39.35 7.65
N ASP A 178 8.19 39.37 7.63
CA ASP A 178 7.42 39.40 6.40
CA ASP A 178 7.42 39.48 6.40
C ASP A 178 5.91 39.54 6.65
C ASP A 178 5.91 39.40 6.64
N SER A 179 5.15 39.70 5.58
CA SER A 179 3.71 39.86 5.65
C SER A 179 3.00 38.53 5.85
N VAL A 180 2.98 38.05 7.10
CA VAL A 180 2.40 36.75 7.42
C VAL A 180 1.55 36.82 8.68
N LEU A 181 0.49 36.01 8.70
CA LEU A 181 -0.27 35.74 9.92
C LEU A 181 -0.18 34.22 10.14
N GLN A 182 0.43 33.83 11.26
CA GLN A 182 0.66 32.41 11.53
C GLN A 182 -0.16 31.96 12.74
N ILE A 183 -0.81 30.80 12.62
CA ILE A 183 -1.69 30.26 13.66
C ILE A 183 -1.18 28.89 14.09
N ALA A 184 -0.68 28.81 15.32
CA ALA A 184 -0.17 27.53 15.83
C ALA A 184 -1.14 26.89 16.82
N ALA A 185 -1.29 25.58 16.72
CA ALA A 185 -2.13 24.82 17.64
C ALA A 185 -1.70 23.37 17.66
N HIS A 186 -1.76 22.77 18.85
CA HIS A 186 -1.37 21.38 19.05
C HIS A 186 -2.38 20.45 18.36
N GLU A 187 -1.88 19.53 17.55
CA GLU A 187 -2.72 18.58 16.79
C GLU A 187 -3.66 17.70 17.62
N GLU A 188 -3.28 17.43 18.87
CA GLU A 188 -4.09 16.57 19.73
C GLU A 188 -5.05 17.36 20.62
N VAL A 189 -5.07 18.68 20.43
CA VAL A 189 -5.98 19.59 21.15
C VAL A 189 -6.96 20.28 20.18
N VAL A 190 -6.42 20.85 19.11
CA VAL A 190 -7.23 21.43 18.04
C VAL A 190 -7.09 20.55 16.81
N PRO A 191 -8.19 19.89 16.36
CA PRO A 191 -8.04 19.02 15.20
C PRO A 191 -7.52 19.78 13.98
N LEU A 192 -6.69 19.11 13.21
CA LEU A 192 -6.09 19.66 12.00
C LEU A 192 -7.14 20.34 11.10
N ASP A 193 -8.26 19.67 10.86
CA ASP A 193 -9.31 20.22 9.99
C ASP A 193 -9.95 21.50 10.55
N GLU A 194 -10.03 21.59 11.87
CA GLU A 194 -10.47 22.83 12.53
C GLU A 194 -9.43 23.93 12.41
N LEU A 195 -8.15 23.59 12.53
CA LEU A 195 -7.10 24.58 12.31
C LEU A 195 -7.15 25.12 10.88
N TYR A 196 -7.38 24.23 9.91
CA TYR A 196 -7.46 24.66 8.51
C TYR A 196 -8.67 25.57 8.30
N LYS A 197 -9.82 25.21 8.88
CA LYS A 197 -11.01 26.05 8.76
C LYS A 197 -10.78 27.46 9.33
N ILE A 198 -10.15 27.53 10.51
CA ILE A 198 -9.82 28.79 11.16
C ILE A 198 -8.91 29.66 10.27
N CYS A 199 -7.94 29.02 9.64
CA CYS A 199 -6.99 29.72 8.77
C CYS A 199 -7.69 30.27 7.52
N LYS A 200 -8.67 29.53 7.01
CA LYS A 200 -9.46 30.00 5.88
C LYS A 200 -10.29 31.23 6.24
N ILE A 201 -10.84 31.22 7.45
CA ILE A 201 -11.56 32.39 7.98
C ILE A 201 -10.61 33.59 8.10
N ALA A 202 -9.43 33.37 8.68
CA ALA A 202 -8.40 34.41 8.79
C ALA A 202 -7.98 34.95 7.42
N ARG A 203 -7.87 34.05 6.44
CA ARG A 203 -7.52 34.42 5.07
C ARG A 203 -8.57 35.35 4.44
N GLU A 204 -9.85 35.09 4.75
CA GLU A 204 -10.94 35.95 4.26
C GLU A 204 -10.94 37.30 4.97
N LEU A 205 -10.72 37.29 6.28
CA LEU A 205 -10.72 38.51 7.07
C LEU A 205 -9.55 39.44 6.72
N THR A 206 -8.45 38.86 6.25
CA THR A 206 -7.25 39.64 5.91
C THR A 206 -7.24 40.09 4.45
N LEU A 207 -8.33 39.82 3.74
CA LEU A 207 -8.57 40.46 2.43
C LEU A 207 -9.22 41.81 2.70
N ASP A 208 -8.41 42.72 3.22
CA ASP A 208 -8.89 43.97 3.78
C ASP A 208 -7.66 44.84 3.85
N GLU A 209 -7.69 45.98 3.17
CA GLU A 209 -6.46 46.77 3.07
C GLU A 209 -5.89 47.21 4.43
N LYS A 210 -6.77 47.44 5.40
CA LYS A 210 -6.37 47.73 6.80
C LYS A 210 -5.46 46.67 7.41
N TYR A 211 -5.65 45.40 7.04
CA TYR A 211 -4.79 44.33 7.55
C TYR A 211 -4.41 43.33 6.47
N MET A 212 -3.98 43.81 5.31
CA MET A 212 -3.73 42.87 4.22
C MET A 212 -2.43 42.10 4.39
N VAL A 213 -2.53 40.83 4.78
CA VAL A 213 -1.36 39.98 4.92
C VAL A 213 -1.15 39.13 3.65
N GLY A 214 0.11 38.99 3.25
CA GLY A 214 0.47 38.16 2.12
C GLY A 214 0.01 36.72 2.28
N ARG A 215 0.26 36.15 3.45
N ARG A 215 0.32 36.14 3.43
CA ARG A 215 0.05 34.72 3.67
CA ARG A 215 0.03 34.73 3.70
C ARG A 215 -0.46 34.43 5.08
C ARG A 215 -0.54 34.50 5.09
N VAL A 216 -1.48 33.58 5.17
CA VAL A 216 -1.92 33.01 6.45
C VAL A 216 -1.32 31.60 6.48
N ILE A 217 -0.66 31.24 7.58
CA ILE A 217 0.01 29.94 7.66
C ILE A 217 -0.49 29.12 8.86
N ALA A 218 -0.99 27.91 8.60
CA ALA A 218 -1.33 26.97 9.66
C ALA A 218 -0.03 26.34 10.18
N ARG A 219 0.19 26.41 11.49
CA ARG A 219 1.39 25.84 12.10
C ARG A 219 1.04 24.78 13.16
N PRO A 220 0.55 23.60 12.71
CA PRO A 220 0.26 22.57 13.70
C PRO A 220 1.56 22.06 14.34
N PHE A 221 1.46 21.68 15.61
CA PHE A 221 2.59 21.11 16.33
C PHE A 221 2.14 19.98 17.25
N VAL A 222 3.09 19.14 17.63
CA VAL A 222 2.84 18.05 18.57
C VAL A 222 3.90 18.09 19.67
N GLY A 223 3.80 17.17 20.63
CA GLY A 223 4.80 17.05 21.67
C GLY A 223 4.33 17.60 23.01
N GLU A 224 5.28 17.94 23.87
CA GLU A 224 4.99 18.36 25.23
C GLU A 224 5.92 19.50 25.64
N PRO A 225 5.56 20.25 26.72
CA PRO A 225 6.40 21.36 27.18
C PRO A 225 7.89 20.99 27.23
N GLY A 226 8.71 21.80 26.58
CA GLY A 226 10.15 21.55 26.52
C GLY A 226 10.55 20.61 25.40
N ASN A 227 9.57 20.18 24.61
CA ASN A 227 9.79 19.24 23.52
C ASN A 227 8.66 19.29 22.50
N PHE A 228 8.44 20.48 21.92
CA PHE A 228 7.43 20.66 20.89
C PHE A 228 8.07 20.54 19.52
N THR A 229 7.39 19.85 18.61
CA THR A 229 7.85 19.79 17.22
C THR A 229 6.73 20.18 16.26
N ARG A 230 7.06 21.05 15.32
CA ARG A 230 6.11 21.49 14.30
C ARG A 230 6.05 20.42 13.23
N THR A 231 4.83 20.09 12.81
CA THR A 231 4.61 18.94 11.93
C THR A 231 4.61 19.32 10.45
N PRO A 232 4.80 18.32 9.57
CA PRO A 232 4.70 18.55 8.12
C PRO A 232 3.28 18.91 7.66
N ASN A 233 2.33 19.04 8.58
CA ASN A 233 0.96 19.41 8.22
C ASN A 233 0.74 20.92 8.05
N ARG A 234 1.82 21.70 8.03
CA ARG A 234 1.77 23.11 7.65
C ARG A 234 1.00 23.30 6.35
N HIS A 235 0.14 24.32 6.32
N HIS A 235 0.11 24.29 6.31
CA HIS A 235 -0.60 24.72 5.11
CA HIS A 235 -0.48 24.73 5.06
C HIS A 235 -0.49 26.24 4.94
C HIS A 235 -0.43 26.24 4.95
N ASP A 236 -0.13 26.72 3.75
CA ASP A 236 -0.03 28.16 3.48
C ASP A 236 -1.21 28.66 2.65
N TYR A 237 -1.85 29.76 3.08
CA TYR A 237 -2.99 30.31 2.38
C TYR A 237 -2.64 31.66 1.74
N ALA A 238 -2.48 31.64 0.42
CA ALA A 238 -2.03 32.79 -0.37
C ALA A 238 -3.20 33.47 -1.05
N LEU A 239 -3.00 34.71 -1.49
CA LEU A 239 -3.98 35.37 -2.35
C LEU A 239 -3.58 35.12 -3.79
N LYS A 240 -4.56 35.04 -4.68
CA LYS A 240 -4.26 34.95 -6.10
C LYS A 240 -3.79 36.32 -6.62
N PRO A 241 -2.90 36.33 -7.63
CA PRO A 241 -2.49 37.63 -8.18
C PRO A 241 -3.72 38.45 -8.61
N PHE A 242 -3.65 39.77 -8.42
CA PHE A 242 -4.75 40.67 -8.75
C PHE A 242 -4.81 40.87 -10.27
N GLY A 243 -4.95 39.78 -11.00
CA GLY A 243 -5.06 39.84 -12.44
C GLY A 243 -4.51 38.56 -13.03
N ARG A 244 -4.86 38.28 -14.28
N ARG A 244 -4.89 38.29 -14.27
CA ARG A 244 -4.27 37.14 -14.97
CA ARG A 244 -4.26 37.23 -15.05
C ARG A 244 -2.93 37.57 -15.57
C ARG A 244 -2.87 37.70 -15.39
N THR A 245 -1.90 36.79 -15.26
CA THR A 245 -0.50 37.14 -15.51
C THR A 245 -0.02 36.56 -16.83
N VAL A 246 1.20 36.91 -17.19
CA VAL A 246 1.83 36.32 -18.38
C VAL A 246 1.95 34.79 -18.24
N MET A 247 2.18 34.32 -17.00
CA MET A 247 2.17 32.87 -16.75
C MET A 247 0.86 32.20 -17.08
N ASN A 248 -0.27 32.81 -16.67
CA ASN A 248 -1.60 32.33 -17.09
C ASN A 248 -1.66 32.21 -18.62
N GLU A 249 -1.22 33.25 -19.34
CA GLU A 249 -1.31 33.27 -20.80
C GLU A 249 -0.44 32.21 -21.45
N LEU A 250 0.77 32.01 -20.93
CA LEU A 250 1.64 30.94 -21.42
C LEU A 250 1.01 29.56 -21.25
N LYS A 251 0.53 29.27 -20.03
CA LYS A 251 -0.14 27.99 -19.73
C LYS A 251 -1.35 27.76 -20.63
N ASP A 252 -2.17 28.79 -20.80
CA ASP A 252 -3.35 28.70 -21.65
C ASP A 252 -3.01 28.49 -23.12
N SER A 253 -1.79 28.88 -23.53
CA SER A 253 -1.33 28.65 -24.90
C SER A 253 -0.47 27.39 -25.03
N ASP A 254 -0.53 26.52 -24.02
N ASP A 254 -0.54 26.52 -24.03
CA ASP A 254 0.15 25.21 -24.03
CA ASP A 254 0.14 25.21 -23.98
C ASP A 254 1.68 25.25 -23.98
C ASP A 254 1.66 25.24 -23.93
N TYR A 255 2.24 26.32 -23.43
CA TYR A 255 3.67 26.38 -23.17
C TYR A 255 3.94 25.78 -21.79
N ASP A 256 5.19 25.38 -21.58
CA ASP A 256 5.63 24.95 -20.26
C ASP A 256 5.90 26.16 -19.37
N VAL A 257 5.50 26.05 -18.11
CA VAL A 257 5.81 27.08 -17.10
C VAL A 257 6.27 26.35 -15.85
N ILE A 258 7.58 26.22 -15.71
CA ILE A 258 8.20 25.42 -14.66
C ILE A 258 8.59 26.38 -13.54
N ALA A 259 7.95 26.21 -12.38
CA ALA A 259 8.19 27.08 -11.23
C ALA A 259 9.16 26.38 -10.29
N ILE A 260 10.22 27.07 -9.89
CA ILE A 260 11.22 26.46 -9.03
C ILE A 260 11.31 27.24 -7.71
N GLY A 261 11.25 26.53 -6.59
CA GLY A 261 11.33 27.19 -5.27
C GLY A 261 10.00 27.80 -4.87
N LYS A 262 10.04 29.01 -4.30
CA LYS A 262 8.82 29.71 -3.83
C LYS A 262 7.87 30.21 -4.95
N ILE A 263 8.30 30.10 -6.21
CA ILE A 263 7.54 30.69 -7.34
C ILE A 263 6.07 30.27 -7.38
N SER A 264 5.81 28.98 -7.30
CA SER A 264 4.42 28.50 -7.35
C SER A 264 3.60 29.12 -6.23
N ASP A 265 4.12 29.07 -5.01
CA ASP A 265 3.43 29.69 -3.87
C ASP A 265 3.17 31.20 -4.06
N ILE A 266 4.17 31.91 -4.56
CA ILE A 266 4.07 33.36 -4.74
C ILE A 266 2.89 33.74 -5.65
N TYR A 267 2.65 32.93 -6.68
CA TYR A 267 1.57 33.15 -7.63
C TYR A 267 0.32 32.30 -7.33
N ASP A 268 0.31 31.65 -6.16
CA ASP A 268 -0.73 30.66 -5.80
C ASP A 268 -1.00 29.66 -6.92
N GLY A 269 0.06 29.24 -7.61
CA GLY A 269 -0.05 28.20 -8.65
C GLY A 269 -0.59 28.68 -9.99
N GLU A 270 -0.91 29.97 -10.08
CA GLU A 270 -1.52 30.50 -11.29
C GLU A 270 -0.57 30.47 -12.49
N GLY A 271 -0.97 29.72 -13.51
CA GLY A 271 -0.19 29.62 -14.74
C GLY A 271 0.98 28.65 -14.68
N VAL A 272 1.08 27.89 -13.60
CA VAL A 272 2.21 26.97 -13.39
C VAL A 272 1.85 25.58 -13.94
N THR A 273 2.76 25.01 -14.74
CA THR A 273 2.54 23.65 -15.29
C THR A 273 3.31 22.55 -14.54
N GLU A 274 4.43 22.91 -13.91
CA GLU A 274 5.21 22.00 -13.08
C GLU A 274 5.89 22.81 -12.00
N SER A 275 5.97 22.27 -10.79
CA SER A 275 6.58 23.00 -9.70
C SER A 275 7.66 22.15 -9.04
N LEU A 276 8.84 22.73 -8.85
CA LEU A 276 9.96 22.00 -8.24
C LEU A 276 10.34 22.64 -6.88
N ARG A 277 10.14 21.88 -5.81
CA ARG A 277 10.49 22.37 -4.48
C ARG A 277 12.00 22.44 -4.30
N THR A 278 12.47 23.48 -3.60
CA THR A 278 13.88 23.59 -3.25
C THR A 278 14.07 23.86 -1.75
N LYS A 279 15.26 23.50 -1.23
CA LYS A 279 15.56 23.62 0.20
C LYS A 279 16.60 24.71 0.54
N SER A 280 17.26 25.24 -0.48
CA SER A 280 18.35 26.21 -0.30
C SER A 280 18.62 26.83 -1.65
N ASN A 281 19.42 27.90 -1.67
CA ASN A 281 19.88 28.51 -2.91
C ASN A 281 20.66 27.53 -3.79
N MET A 282 21.55 26.74 -3.20
CA MET A 282 22.33 25.78 -3.97
C MET A 282 21.41 24.73 -4.62
N ASP A 283 20.40 24.30 -3.86
CA ASP A 283 19.39 23.36 -4.35
C ASP A 283 18.58 24.01 -5.51
N GLY A 284 18.27 25.29 -5.37
CA GLY A 284 17.62 26.06 -6.43
C GLY A 284 18.44 26.08 -7.71
N MET A 285 19.76 26.28 -7.59
CA MET A 285 20.63 26.22 -8.78
C MET A 285 20.70 24.80 -9.36
N ASP A 286 20.59 23.78 -8.52
CA ASP A 286 20.53 22.39 -9.01
C ASP A 286 19.26 22.13 -9.83
N LYS A 287 18.13 22.66 -9.36
CA LYS A 287 16.86 22.52 -10.08
C LYS A 287 16.84 23.34 -11.38
N LEU A 288 17.49 24.50 -11.38
CA LEU A 288 17.68 25.26 -12.62
C LEU A 288 18.44 24.42 -13.66
N VAL A 289 19.54 23.81 -13.22
CA VAL A 289 20.33 22.87 -14.05
C VAL A 289 19.47 21.71 -14.57
N ASP A 290 18.63 21.13 -13.68
CA ASP A 290 17.64 20.11 -14.08
C ASP A 290 16.74 20.58 -15.24
N THR A 291 16.25 21.82 -15.15
CA THR A 291 15.40 22.36 -16.21
C THR A 291 16.17 22.62 -17.51
N LEU A 292 17.44 23.03 -17.40
CA LEU A 292 18.32 23.12 -18.58
C LEU A 292 18.43 21.76 -19.31
N ASN A 293 18.38 20.67 -18.55
CA ASN A 293 18.40 19.32 -19.14
C ASN A 293 17.07 18.81 -19.69
N MET A 294 16.00 19.56 -19.47
CA MET A 294 14.65 19.20 -19.94
C MET A 294 14.35 19.78 -21.31
N ASP A 295 13.68 18.99 -22.15
CA ASP A 295 13.16 19.47 -23.41
C ASP A 295 11.81 20.13 -23.13
N PHE A 296 11.82 21.44 -22.96
CA PHE A 296 10.57 22.18 -22.82
C PHE A 296 10.56 23.38 -23.74
N THR A 297 9.39 23.98 -23.92
CA THR A 297 9.26 25.23 -24.65
C THR A 297 8.43 26.14 -23.78
N GLY A 298 9.00 27.28 -23.41
CA GLY A 298 8.34 28.15 -22.45
C GLY A 298 9.29 28.72 -21.42
N LEU A 299 8.83 28.79 -20.17
CA LEU A 299 9.52 29.54 -19.12
C LEU A 299 9.94 28.62 -17.97
N SER A 300 11.19 28.75 -17.54
CA SER A 300 11.63 28.16 -16.29
C SER A 300 11.91 29.33 -15.38
N PHE A 301 11.28 29.32 -14.20
CA PHE A 301 11.22 30.50 -13.34
C PHE A 301 11.68 30.10 -11.93
N LEU A 302 12.85 30.59 -11.54
CA LEU A 302 13.46 30.30 -10.25
C LEU A 302 13.47 31.52 -9.30
N ASN A 303 13.11 31.27 -8.05
CA ASN A 303 13.35 32.23 -6.97
C ASN A 303 14.44 31.66 -6.04
N LEU A 304 15.50 32.45 -5.84
CA LEU A 304 16.53 32.16 -4.86
C LEU A 304 16.20 32.95 -3.60
N VAL A 305 15.60 32.30 -2.63
CA VAL A 305 14.95 33.00 -1.51
C VAL A 305 15.84 33.24 -0.28
N ASP A 306 16.94 32.49 -0.14
CA ASP A 306 17.81 32.58 1.05
C ASP A 306 18.28 34.01 1.33
N PHE A 307 18.56 34.76 0.28
CA PHE A 307 19.06 36.13 0.41
C PHE A 307 18.14 36.94 1.31
N ASP A 308 16.85 36.85 1.02
CA ASP A 308 15.80 37.52 1.78
C ASP A 308 15.57 36.84 3.14
N ALA A 309 15.33 35.53 3.12
CA ALA A 309 14.87 34.80 4.32
C ALA A 309 15.91 34.68 5.44
N LEU A 310 17.15 34.43 5.06
CA LEU A 310 18.20 34.17 6.05
C LEU A 310 19.05 35.40 6.36
N PHE A 311 19.18 36.33 5.41
CA PHE A 311 20.22 37.36 5.54
C PHE A 311 19.71 38.80 5.56
N GLY A 312 18.77 39.13 4.67
CA GLY A 312 18.21 40.48 4.63
C GLY A 312 17.44 40.85 5.89
N HIS A 313 16.40 40.08 6.21
CA HIS A 313 15.56 40.37 7.37
C HIS A 313 16.34 40.24 8.67
N ARG A 314 17.30 39.31 8.68
CA ARG A 314 18.16 39.12 9.86
C ARG A 314 19.30 40.15 9.94
N ARG A 315 19.37 41.05 8.96
CA ARG A 315 20.38 42.11 8.92
C ARG A 315 21.78 41.54 9.14
N ASP A 316 22.12 40.58 8.27
CA ASP A 316 23.34 39.81 8.38
C ASP A 316 24.12 39.96 7.07
N PRO A 317 24.89 41.07 6.93
CA PRO A 317 25.62 41.34 5.69
C PRO A 317 26.71 40.30 5.36
N GLN A 318 27.32 39.69 6.37
CA GLN A 318 28.34 38.64 6.16
C GLN A 318 27.73 37.40 5.50
N GLY A 319 26.64 36.90 6.08
CA GLY A 319 25.93 35.75 5.50
C GLY A 319 25.39 36.07 4.11
N TYR A 320 24.88 37.28 3.96
CA TYR A 320 24.37 37.71 2.66
C TYR A 320 25.49 37.72 1.61
N GLY A 321 26.62 38.34 1.94
CA GLY A 321 27.80 38.36 1.04
C GLY A 321 28.28 36.96 0.66
N GLU A 322 28.39 36.07 1.65
CA GLU A 322 28.79 34.69 1.37
C GLU A 322 27.81 33.98 0.43
N ALA A 323 26.51 34.18 0.66
CA ALA A 323 25.49 33.59 -0.21
C ALA A 323 25.60 34.08 -1.66
N LEU A 324 25.88 35.37 -1.84
CA LEU A 324 26.03 35.93 -3.19
C LEU A 324 27.23 35.33 -3.91
N GLN A 325 28.31 35.13 -3.15
CA GLN A 325 29.52 34.50 -3.70
C GLN A 325 29.31 33.01 -4.03
N GLU A 326 28.55 32.32 -3.18
CA GLU A 326 28.19 30.92 -3.44
C GLU A 326 27.32 30.82 -4.69
N TYR A 327 26.36 31.73 -4.82
CA TYR A 327 25.53 31.79 -6.02
C TYR A 327 26.34 32.09 -7.28
N ASP A 328 27.23 33.08 -7.23
CA ASP A 328 28.04 33.44 -8.41
C ASP A 328 28.86 32.26 -8.95
N ALA A 329 29.45 31.50 -8.03
CA ALA A 329 30.27 30.32 -8.38
C ALA A 329 29.52 29.23 -9.17
N ARG A 330 28.20 29.20 -9.07
CA ARG A 330 27.37 28.22 -9.80
C ARG A 330 27.13 28.60 -11.26
N LEU A 331 27.28 29.89 -11.58
CA LEU A 331 26.91 30.40 -12.91
C LEU A 331 27.64 29.83 -14.13
N PRO A 332 28.96 29.51 -14.05
CA PRO A 332 29.59 29.00 -15.28
C PRO A 332 28.96 27.73 -15.85
N GLU A 333 28.44 26.85 -14.99
CA GLU A 333 27.77 25.66 -15.48
C GLU A 333 26.48 26.01 -16.21
N VAL A 334 25.79 27.04 -15.73
CA VAL A 334 24.60 27.56 -16.40
C VAL A 334 24.99 28.12 -17.78
N PHE A 335 26.07 28.90 -17.83
CA PHE A 335 26.54 29.46 -19.12
C PHE A 335 26.85 28.33 -20.09
N ALA A 336 27.47 27.25 -19.59
CA ALA A 336 27.87 26.10 -20.42
C ALA A 336 26.68 25.33 -21.02
N LYS A 337 25.54 25.35 -20.33
CA LYS A 337 24.37 24.59 -20.75
C LYS A 337 23.39 25.36 -21.64
N LEU A 338 23.45 26.70 -21.60
CA LEU A 338 22.52 27.51 -22.39
C LEU A 338 22.73 27.28 -23.88
N LYS A 339 21.63 27.09 -24.60
CA LYS A 339 21.68 26.90 -26.04
C LYS A 339 21.54 28.25 -26.75
N GLU A 340 21.78 28.26 -28.05
CA GLU A 340 21.67 29.46 -28.89
C GLU A 340 20.30 30.11 -28.83
N ASP A 341 19.27 29.29 -28.67
CA ASP A 341 17.89 29.78 -28.59
C ASP A 341 17.34 29.78 -27.17
N ASP A 342 18.24 29.84 -26.18
CA ASP A 342 17.89 30.06 -24.79
C ASP A 342 18.19 31.49 -24.40
N LEU A 343 17.33 32.06 -23.57
CA LEU A 343 17.60 33.35 -22.97
C LEU A 343 17.61 33.24 -21.45
N LEU A 344 18.67 33.76 -20.82
CA LEU A 344 18.75 33.83 -19.36
C LEU A 344 18.49 35.27 -18.90
N LEU A 345 17.56 35.41 -17.96
CA LEU A 345 17.22 36.70 -17.35
C LEU A 345 17.45 36.63 -15.86
N ILE A 346 18.23 37.59 -15.34
CA ILE A 346 18.52 37.64 -13.92
C ILE A 346 18.06 39.00 -13.37
N THR A 347 17.28 38.95 -12.30
CA THR A 347 16.74 40.16 -11.70
C THR A 347 16.47 39.95 -10.20
N ALA A 348 15.77 40.92 -9.58
CA ALA A 348 15.36 40.83 -8.18
C ALA A 348 13.95 41.43 -8.07
N ASP A 349 13.31 41.25 -6.91
CA ASP A 349 11.91 41.67 -6.71
C ASP A 349 11.71 42.90 -5.78
N HIS A 350 12.80 43.35 -5.16
CA HIS A 350 12.85 44.51 -4.24
C HIS A 350 14.26 44.45 -3.62
N GLY A 351 14.53 45.34 -2.68
CA GLY A 351 15.75 45.25 -1.87
C GLY A 351 15.44 44.74 -0.47
N ASN A 352 16.47 44.34 0.26
CA ASN A 352 16.36 44.02 1.69
C ASN A 352 17.76 44.23 2.27
N ASP A 353 18.11 45.50 2.42
CA ASP A 353 19.46 45.93 2.78
C ASP A 353 19.82 45.46 4.20
N PRO A 354 20.84 44.59 4.31
CA PRO A 354 21.16 44.00 5.62
C PRO A 354 21.92 44.95 6.55
N ILE A 355 22.23 46.15 6.08
CA ILE A 355 22.74 47.24 6.93
C ILE A 355 21.78 48.44 6.83
N HIS A 356 20.60 48.27 7.42
CA HIS A 356 19.52 49.25 7.32
C HIS A 356 18.64 49.11 8.58
N PRO A 357 18.03 50.21 9.06
CA PRO A 357 17.22 50.11 10.28
C PRO A 357 16.05 49.15 10.14
N GLY A 358 15.62 48.59 11.27
CA GLY A 358 14.46 47.71 11.30
C GLY A 358 14.73 46.37 10.65
N THR A 359 13.65 45.70 10.26
CA THR A 359 13.73 44.36 9.69
C THR A 359 12.94 44.22 8.38
N ASP A 360 12.44 45.34 7.85
N ASP A 360 12.47 45.34 7.85
CA ASP A 360 11.58 45.34 6.66
CA ASP A 360 11.62 45.33 6.66
C ASP A 360 12.42 45.41 5.38
C ASP A 360 12.44 45.41 5.37
N HIS A 361 11.79 45.10 4.25
CA HIS A 361 12.38 45.27 2.92
C HIS A 361 12.77 46.73 2.64
N THR A 362 13.54 46.95 1.58
CA THR A 362 13.92 48.31 1.17
C THR A 362 13.50 48.61 -0.27
N ARG A 363 13.00 49.82 -0.50
CA ARG A 363 12.50 50.21 -1.81
C ARG A 363 13.67 50.59 -2.73
N GLU A 364 14.09 49.65 -3.58
CA GLU A 364 15.28 49.82 -4.40
C GLU A 364 15.02 49.54 -5.88
N TYR A 365 15.88 50.05 -6.74
CA TYR A 365 15.98 49.55 -8.11
C TYR A 365 16.43 48.08 -8.02
N VAL A 366 16.12 47.29 -9.04
CA VAL A 366 16.65 45.94 -9.14
C VAL A 366 17.47 45.78 -10.41
N PRO A 367 18.53 44.93 -10.37
CA PRO A 367 19.32 44.73 -11.58
C PRO A 367 18.55 43.90 -12.62
N LEU A 368 18.91 44.06 -13.88
CA LEU A 368 18.40 43.20 -14.96
C LEU A 368 19.59 42.84 -15.83
N LEU A 369 19.83 41.54 -15.99
CA LEU A 369 20.83 41.03 -16.90
C LEU A 369 20.15 40.06 -17.87
N ALA A 370 20.42 40.23 -19.17
CA ALA A 370 19.78 39.42 -20.20
C ALA A 370 20.83 38.82 -21.12
N TYR A 371 20.96 37.50 -21.05
CA TYR A 371 22.04 36.82 -21.75
C TYR A 371 21.61 35.59 -22.55
N SER A 372 22.03 35.55 -23.81
CA SER A 372 21.93 34.35 -24.63
C SER A 372 23.28 34.13 -25.30
N PRO A 373 23.72 32.86 -25.40
CA PRO A 373 24.93 32.51 -26.14
C PRO A 373 24.91 32.99 -27.60
N SER A 374 23.72 33.27 -28.13
CA SER A 374 23.59 33.78 -29.50
C SER A 374 24.05 35.23 -29.63
N MET A 375 24.16 35.95 -28.50
CA MET A 375 24.71 37.31 -28.50
C MET A 375 26.22 37.29 -28.72
N LYS A 376 26.62 37.03 -29.98
CA LYS A 376 28.03 36.77 -30.31
C LYS A 376 28.98 37.96 -30.10
N GLU A 377 28.44 39.17 -30.14
CA GLU A 377 29.25 40.37 -29.93
C GLU A 377 29.09 40.93 -28.52
N GLY A 378 28.41 40.17 -27.65
CA GLY A 378 28.09 40.64 -26.31
C GLY A 378 26.89 41.56 -26.30
N GLY A 379 26.60 42.17 -25.15
CA GLY A 379 25.44 43.03 -25.02
C GLY A 379 25.80 44.50 -24.84
N GLN A 380 24.77 45.31 -24.60
CA GLN A 380 24.96 46.72 -24.29
C GLN A 380 23.91 47.19 -23.30
N GLU A 381 23.94 48.47 -22.96
CA GLU A 381 22.99 49.03 -22.02
C GLU A 381 21.59 49.14 -22.64
N LEU A 382 20.61 48.64 -21.90
CA LEU A 382 19.19 48.83 -22.22
C LEU A 382 18.69 50.11 -21.55
N PRO A 383 17.67 50.78 -22.15
CA PRO A 383 17.00 51.85 -21.39
C PRO A 383 16.48 51.31 -20.05
N LEU A 384 16.56 52.12 -19.00
CA LEU A 384 16.04 51.74 -17.68
C LEU A 384 14.58 51.25 -17.76
N ARG A 385 14.28 50.10 -17.14
CA ARG A 385 12.91 49.58 -17.17
C ARG A 385 12.04 50.32 -16.15
N GLN A 386 11.01 51.01 -16.66
CA GLN A 386 10.16 51.88 -15.82
C GLN A 386 9.12 51.09 -14.99
N THR A 387 8.98 49.81 -15.28
CA THR A 387 8.20 48.90 -14.44
C THR A 387 8.79 47.50 -14.57
N PHE A 388 8.66 46.71 -13.50
CA PHE A 388 9.11 45.31 -13.52
C PHE A 388 8.40 44.51 -14.61
N ALA A 389 7.22 44.99 -15.00
CA ALA A 389 6.37 44.32 -16.01
C ALA A 389 7.02 44.24 -17.40
N ASP A 390 8.09 45.02 -17.61
CA ASP A 390 8.86 44.91 -18.85
C ASP A 390 9.38 43.48 -19.08
N ILE A 391 9.65 42.76 -17.98
CA ILE A 391 10.06 41.36 -18.11
C ILE A 391 8.90 40.51 -18.65
N GLY A 392 7.73 40.64 -18.02
CA GLY A 392 6.51 39.95 -18.47
C GLY A 392 6.18 40.26 -19.94
N ALA A 393 6.27 41.53 -20.32
CA ALA A 393 6.02 41.94 -21.73
C ALA A 393 7.01 41.29 -22.69
N THR A 394 8.26 41.19 -22.27
CA THR A 394 9.31 40.57 -23.09
C THR A 394 9.04 39.09 -23.32
N VAL A 395 8.72 38.38 -22.23
CA VAL A 395 8.37 36.96 -22.26
C VAL A 395 7.14 36.73 -23.14
N ALA A 396 6.08 37.52 -22.91
CA ALA A 396 4.85 37.45 -23.70
C ALA A 396 5.09 37.65 -25.20
N GLU A 397 5.88 38.68 -25.56
CA GLU A 397 6.15 38.91 -26.98
C GLU A 397 6.95 37.77 -27.59
N ASN A 398 7.93 37.27 -26.84
CA ASN A 398 8.75 36.15 -27.34
C ASN A 398 7.91 34.96 -27.78
N PHE A 399 6.92 34.62 -26.96
CA PHE A 399 6.12 33.42 -27.20
C PHE A 399 4.82 33.66 -27.96
N GLY A 400 4.61 34.91 -28.39
CA GLY A 400 3.45 35.27 -29.20
C GLY A 400 2.11 35.16 -28.48
N VAL A 401 2.11 35.33 -27.16
CA VAL A 401 0.86 35.30 -26.36
C VAL A 401 0.36 36.72 -26.07
N LYS A 402 -0.85 36.84 -25.54
CA LYS A 402 -1.47 38.13 -25.25
C LYS A 402 -0.54 39.00 -24.40
N MET A 403 -0.28 40.22 -24.84
CA MET A 403 0.62 41.15 -24.14
C MET A 403 -0.01 41.61 -22.82
N PRO A 404 0.80 41.77 -21.76
CA PRO A 404 0.20 42.28 -20.52
C PRO A 404 -0.23 43.73 -20.68
N GLU A 405 -1.12 44.18 -19.79
CA GLU A 405 -1.61 45.55 -19.83
C GLU A 405 -0.50 46.57 -19.53
N TYR A 406 0.46 46.17 -18.70
CA TYR A 406 1.58 47.03 -18.27
C TYR A 406 2.89 46.43 -18.78
N GLY A 407 3.88 47.28 -18.99
CA GLY A 407 5.20 46.79 -19.36
C GLY A 407 5.48 46.92 -20.85
N THR A 408 6.74 47.21 -21.15
CA THR A 408 7.22 47.42 -22.51
C THR A 408 8.33 46.41 -22.75
N SER A 409 8.13 45.56 -23.77
CA SER A 409 9.09 44.51 -24.12
C SER A 409 10.42 45.10 -24.56
N PHE A 410 11.52 44.47 -24.14
CA PHE A 410 12.84 44.79 -24.69
C PHE A 410 13.36 43.66 -25.61
N LEU A 411 12.45 42.79 -26.06
CA LEU A 411 12.84 41.64 -26.89
C LEU A 411 13.67 42.03 -28.12
N ASN A 412 13.20 43.05 -28.83
CA ASN A 412 13.86 43.51 -30.07
C ASN A 412 15.21 44.19 -29.87
N GLU A 413 15.46 44.67 -28.65
CA GLU A 413 16.76 45.24 -28.29
C GLU A 413 17.85 44.17 -28.17
N LEU A 414 17.47 42.92 -27.93
CA LEU A 414 18.41 41.83 -27.72
C LEU A 414 18.86 41.22 -29.05
N LYS B 25 -15.95 -36.02 -16.96
CA LYS B 25 -14.86 -36.67 -17.74
C LYS B 25 -13.58 -36.69 -16.91
N TYR B 26 -12.97 -35.53 -16.68
CA TYR B 26 -11.78 -35.43 -15.86
C TYR B 26 -12.14 -35.06 -14.42
N LYS B 27 -11.51 -35.75 -13.48
CA LYS B 27 -11.69 -35.48 -12.06
C LYS B 27 -11.00 -34.18 -11.66
N ARG B 28 -9.84 -33.92 -12.27
CA ARG B 28 -9.00 -32.77 -11.93
C ARG B 28 -8.48 -32.13 -13.19
N ILE B 29 -8.51 -30.81 -13.22
CA ILE B 29 -7.89 -30.07 -14.32
C ILE B 29 -6.81 -29.18 -13.73
N PHE B 30 -5.61 -29.29 -14.30
CA PHE B 30 -4.46 -28.50 -13.92
C PHE B 30 -4.22 -27.47 -15.01
N LEU B 31 -4.49 -26.21 -14.70
CA LEU B 31 -4.33 -25.13 -15.67
C LEU B 31 -3.10 -24.29 -15.32
N VAL B 32 -2.17 -24.20 -16.28
CA VAL B 32 -0.93 -23.45 -16.11
C VAL B 32 -0.89 -22.27 -17.08
N VAL B 33 -0.84 -21.06 -16.53
CA VAL B 33 -0.61 -19.86 -17.34
C VAL B 33 0.86 -19.51 -17.23
N MET B 34 1.56 -19.62 -18.36
CA MET B 34 2.92 -19.14 -18.46
C MET B 34 2.75 -17.66 -18.77
N ASP B 35 2.85 -16.83 -17.74
CA ASP B 35 2.45 -15.45 -17.91
C ASP B 35 3.30 -14.71 -18.95
N SER B 36 2.61 -14.09 -19.92
CA SER B 36 3.22 -13.33 -21.02
C SER B 36 3.88 -14.15 -22.16
N VAL B 37 3.79 -15.48 -22.11
CA VAL B 37 4.50 -16.32 -23.07
C VAL B 37 3.72 -16.43 -24.40
N GLY B 38 3.79 -15.36 -25.19
CA GLY B 38 3.03 -15.23 -26.43
C GLY B 38 3.64 -16.00 -27.60
N ILE B 39 2.81 -16.32 -28.58
CA ILE B 39 3.28 -17.12 -29.72
C ILE B 39 3.12 -16.39 -31.07
N GLY B 40 3.21 -15.06 -31.02
CA GLY B 40 3.22 -14.23 -32.23
C GLY B 40 2.08 -13.23 -32.33
N GLU B 41 2.32 -12.13 -33.03
CA GLU B 41 1.35 -11.04 -33.15
C GLU B 41 -0.07 -11.50 -33.52
N ALA B 42 -1.05 -10.97 -32.79
CA ALA B 42 -2.47 -11.24 -33.05
C ALA B 42 -2.96 -10.46 -34.28
N PRO B 43 -4.16 -10.80 -34.83
CA PRO B 43 -4.66 -10.07 -36.00
C PRO B 43 -4.90 -8.57 -35.77
N ASP B 44 -5.20 -8.18 -34.53
CA ASP B 44 -5.43 -6.76 -34.21
C ASP B 44 -4.20 -6.09 -33.57
N ALA B 45 -3.01 -6.66 -33.78
CA ALA B 45 -1.78 -6.14 -33.19
C ALA B 45 -1.46 -4.68 -33.58
N GLU B 46 -1.74 -4.30 -34.83
CA GLU B 46 -1.42 -2.96 -35.33
C GLU B 46 -1.98 -1.83 -34.46
N GLN B 47 -3.22 -1.99 -33.99
CA GLN B 47 -3.86 -0.96 -33.19
C GLN B 47 -3.28 -0.83 -31.77
N PHE B 48 -2.45 -1.80 -31.37
CA PHE B 48 -1.73 -1.74 -30.09
C PHE B 48 -0.28 -1.30 -30.26
N GLY B 49 0.09 -0.99 -31.50
CA GLY B 49 1.49 -0.74 -31.85
C GLY B 49 2.37 -1.98 -31.67
N ASP B 50 1.81 -3.15 -31.96
CA ASP B 50 2.48 -4.42 -31.68
C ASP B 50 2.80 -5.27 -32.91
N LEU B 51 2.82 -4.65 -34.09
CA LEU B 51 3.23 -5.37 -35.29
C LEU B 51 4.65 -5.89 -35.13
N GLY B 52 4.89 -7.13 -35.58
CA GLY B 52 6.21 -7.75 -35.46
C GLY B 52 6.46 -8.46 -34.14
N SER B 53 5.56 -8.30 -33.18
CA SER B 53 5.76 -8.93 -31.86
C SER B 53 5.74 -10.47 -31.96
N ASP B 54 6.61 -11.10 -31.17
CA ASP B 54 6.76 -12.57 -31.18
C ASP B 54 7.57 -13.00 -29.96
N THR B 55 6.88 -13.24 -28.84
CA THR B 55 7.58 -13.55 -27.59
C THR B 55 8.45 -14.83 -27.71
N ILE B 56 7.84 -16.00 -27.89
CA ILE B 56 8.63 -17.24 -27.96
C ILE B 56 9.61 -17.22 -29.13
N GLY B 57 9.14 -16.79 -30.30
CA GLY B 57 9.96 -16.79 -31.53
C GLY B 57 11.22 -15.95 -31.42
N HIS B 58 11.09 -14.74 -30.89
CA HIS B 58 12.25 -13.87 -30.72
C HIS B 58 13.23 -14.35 -29.64
N ILE B 59 12.70 -14.96 -28.59
CA ILE B 59 13.55 -15.58 -27.56
C ILE B 59 14.33 -16.74 -28.16
N ALA B 60 13.64 -17.61 -28.90
CA ALA B 60 14.25 -18.75 -29.60
C ALA B 60 15.40 -18.32 -30.51
N GLU B 61 15.21 -17.21 -31.23
CA GLU B 61 16.25 -16.64 -32.08
C GLU B 61 17.44 -16.14 -31.27
N HIS B 62 17.15 -15.44 -30.18
CA HIS B 62 18.20 -14.95 -29.29
C HIS B 62 19.03 -16.08 -28.69
N MET B 63 18.36 -17.16 -28.28
CA MET B 63 19.02 -18.29 -27.64
C MET B 63 19.83 -19.14 -28.63
N ASN B 64 19.72 -18.84 -29.91
CA ASN B 64 20.23 -19.69 -31.00
C ASN B 64 19.65 -21.11 -30.91
N GLY B 65 18.36 -21.18 -30.59
CA GLY B 65 17.67 -22.44 -30.37
C GLY B 65 17.27 -22.54 -28.91
N LEU B 66 15.96 -22.59 -28.67
CA LEU B 66 15.44 -22.75 -27.32
C LEU B 66 15.41 -24.24 -26.98
N GLN B 67 15.82 -24.61 -25.77
CA GLN B 67 15.77 -26.02 -25.35
C GLN B 67 14.53 -26.32 -24.50
N MET B 68 13.47 -26.76 -25.17
CA MET B 68 12.20 -27.05 -24.50
C MET B 68 11.63 -28.40 -24.95
N PRO B 69 12.38 -29.51 -24.72
CA PRO B 69 11.99 -30.83 -25.26
C PRO B 69 10.62 -31.32 -24.79
N ASN B 70 10.24 -31.01 -23.55
CA ASN B 70 8.96 -31.45 -23.01
C ASN B 70 7.75 -30.71 -23.58
N MET B 71 7.87 -29.39 -23.73
CA MET B 71 6.86 -28.63 -24.48
C MET B 71 6.81 -29.09 -25.94
N VAL B 72 7.96 -29.39 -26.53
CA VAL B 72 8.01 -29.97 -27.88
C VAL B 72 7.25 -31.31 -27.95
N LYS B 73 7.50 -32.20 -26.99
CA LYS B 73 6.79 -33.50 -26.94
C LYS B 73 5.28 -33.32 -26.85
N LEU B 74 4.84 -32.28 -26.12
CA LEU B 74 3.43 -31.96 -26.00
C LEU B 74 2.84 -31.43 -27.31
N GLY B 75 3.68 -30.79 -28.11
CA GLY B 75 3.30 -30.32 -29.43
C GLY B 75 3.44 -28.82 -29.67
N LEU B 76 4.31 -28.16 -28.90
CA LEU B 76 4.53 -26.71 -29.10
C LEU B 76 4.94 -26.37 -30.54
N GLY B 77 5.87 -27.13 -31.08
CA GLY B 77 6.32 -26.94 -32.47
C GLY B 77 5.26 -27.24 -33.50
N ASN B 78 4.26 -28.04 -33.12
CA ASN B 78 3.13 -28.32 -34.00
C ASN B 78 2.22 -27.10 -34.11
N ILE B 79 2.22 -26.26 -33.09
CA ILE B 79 1.49 -24.99 -33.17
C ILE B 79 2.22 -24.09 -34.16
N ARG B 80 3.52 -23.91 -33.94
CA ARG B 80 4.36 -23.04 -34.76
C ARG B 80 5.79 -23.50 -34.59
N GLU B 81 6.51 -23.69 -35.69
CA GLU B 81 7.91 -24.09 -35.59
C GLU B 81 8.78 -22.87 -35.36
N MET B 82 9.69 -22.99 -34.41
CA MET B 82 10.57 -21.88 -34.04
C MET B 82 11.97 -22.46 -33.80
N LYS B 83 12.97 -21.60 -33.65
CA LYS B 83 14.36 -22.06 -33.55
C LYS B 83 14.56 -22.99 -32.34
N GLY B 84 14.94 -24.24 -32.63
CA GLY B 84 15.09 -25.27 -31.59
C GLY B 84 13.79 -25.94 -31.15
N ILE B 85 12.67 -25.47 -31.70
CA ILE B 85 11.34 -25.98 -31.36
C ILE B 85 10.66 -26.52 -32.63
N SER B 86 10.83 -27.82 -32.86
CA SER B 86 10.31 -28.47 -34.06
C SER B 86 9.02 -29.21 -33.79
N LYS B 87 8.25 -29.47 -34.86
CA LYS B 87 7.03 -30.25 -34.76
C LYS B 87 7.38 -31.72 -34.53
N VAL B 88 6.44 -32.46 -33.94
CA VAL B 88 6.61 -33.88 -33.71
C VAL B 88 5.49 -34.66 -34.39
N GLU B 89 5.81 -35.88 -34.80
CA GLU B 89 4.85 -36.74 -35.51
C GLU B 89 3.65 -37.09 -34.63
N LYS B 90 3.89 -37.40 -33.36
CA LYS B 90 2.84 -37.83 -32.44
C LYS B 90 2.91 -37.02 -31.13
N PRO B 91 2.28 -35.82 -31.11
CA PRO B 91 2.30 -35.00 -29.90
C PRO B 91 1.53 -35.70 -28.79
N LEU B 92 2.00 -35.53 -27.54
CA LEU B 92 1.39 -36.19 -26.38
C LEU B 92 -0.07 -35.79 -26.22
N GLY B 93 -0.35 -34.53 -26.53
CA GLY B 93 -1.69 -33.98 -26.34
C GLY B 93 -2.13 -33.15 -27.52
N TYR B 94 -3.28 -32.48 -27.35
CA TYR B 94 -3.87 -31.65 -28.39
C TYR B 94 -3.27 -30.25 -28.32
N TYR B 95 -3.33 -29.53 -29.43
CA TYR B 95 -2.63 -28.25 -29.55
C TYR B 95 -3.33 -27.28 -30.49
N THR B 96 -3.22 -25.99 -30.17
CA THR B 96 -3.64 -24.92 -31.06
C THR B 96 -3.16 -23.60 -30.44
N LYS B 97 -3.67 -22.49 -30.96
CA LYS B 97 -3.48 -21.22 -30.28
C LYS B 97 -4.83 -20.54 -30.06
N MET B 98 -4.81 -19.52 -29.21
CA MET B 98 -6.01 -18.77 -28.84
C MET B 98 -5.82 -17.30 -29.15
N GLN B 99 -6.89 -16.68 -29.64
CA GLN B 99 -6.92 -15.28 -29.95
C GLN B 99 -7.73 -14.56 -28.87
N GLU B 100 -7.24 -13.41 -28.43
CA GLU B 100 -7.90 -12.61 -27.41
C GLU B 100 -9.03 -11.76 -28.01
N LYS B 101 -10.22 -11.83 -27.40
CA LYS B 101 -11.41 -11.08 -27.84
C LYS B 101 -11.57 -9.74 -27.12
N SER B 102 -11.20 -9.70 -25.85
CA SER B 102 -11.34 -8.49 -25.02
C SER B 102 -10.44 -7.37 -25.54
N THR B 103 -10.80 -6.14 -25.18
CA THR B 103 -10.13 -4.94 -25.65
C THR B 103 -8.65 -4.85 -25.26
N GLY B 104 -8.33 -5.12 -24.00
CA GLY B 104 -6.99 -4.88 -23.47
C GLY B 104 -6.06 -6.08 -23.57
N LYS B 105 -4.78 -5.84 -23.28
CA LYS B 105 -3.72 -6.87 -23.32
C LYS B 105 -3.03 -7.05 -21.96
N ASP B 106 -3.70 -6.59 -20.90
CA ASP B 106 -3.18 -6.67 -19.53
C ASP B 106 -3.47 -8.04 -18.89
N MET B 108 -5.06 -8.88 -16.04
N MET B 108 -5.07 -8.89 -16.02
CA MET B 108 -6.43 -9.07 -15.56
CA MET B 108 -6.46 -9.08 -15.57
C MET B 108 -7.41 -9.43 -16.68
C MET B 108 -7.37 -9.47 -16.72
N THR B 109 -7.39 -8.65 -17.77
CA THR B 109 -8.21 -8.93 -18.95
C THR B 109 -7.99 -10.37 -19.44
N GLY B 110 -6.73 -10.74 -19.64
CA GLY B 110 -6.35 -12.07 -20.13
C GLY B 110 -6.87 -13.20 -19.25
N HIS B 111 -6.66 -13.08 -17.93
CA HIS B 111 -7.13 -14.10 -16.97
C HIS B 111 -8.65 -14.13 -16.84
N TRP B 112 -9.29 -12.95 -16.82
CA TRP B 112 -10.74 -12.89 -16.70
C TRP B 112 -11.42 -13.52 -17.93
N GLU B 113 -10.82 -13.30 -19.10
CA GLU B 113 -11.34 -13.91 -20.33
C GLU B 113 -11.17 -15.43 -20.32
N ILE B 114 -9.98 -15.90 -19.91
CA ILE B 114 -9.73 -17.34 -19.72
C ILE B 114 -10.81 -18.00 -18.85
N MET B 115 -11.23 -17.33 -17.78
CA MET B 115 -12.27 -17.88 -16.91
C MET B 115 -13.70 -17.47 -17.28
N GLY B 116 -13.91 -17.13 -18.55
CA GLY B 116 -15.25 -17.05 -19.11
C GLY B 116 -15.89 -15.70 -19.33
N LEU B 117 -15.14 -14.61 -19.11
CA LEU B 117 -15.69 -13.26 -19.26
C LEU B 117 -15.28 -12.60 -20.56
N TYR B 118 -15.92 -11.47 -20.86
CA TYR B 118 -15.53 -10.59 -21.95
C TYR B 118 -15.35 -9.21 -21.35
N ILE B 119 -14.18 -8.62 -21.54
CA ILE B 119 -13.86 -7.35 -20.90
C ILE B 119 -13.69 -6.23 -21.94
N ASP B 120 -14.66 -5.31 -21.97
CA ASP B 120 -14.63 -4.18 -22.90
C ASP B 120 -13.67 -3.07 -22.48
N THR B 121 -13.55 -2.84 -21.18
CA THR B 121 -12.81 -1.69 -20.67
C THR B 121 -11.43 -2.17 -20.21
N PRO B 122 -10.36 -1.77 -20.93
CA PRO B 122 -9.01 -2.25 -20.61
C PRO B 122 -8.41 -1.55 -19.39
N PHE B 123 -7.51 -2.24 -18.70
CA PHE B 123 -6.70 -1.60 -17.69
C PHE B 123 -5.56 -0.83 -18.35
N GLN B 124 -5.26 0.34 -17.83
CA GLN B 124 -4.31 1.25 -18.46
C GLN B 124 -2.92 1.18 -17.82
N VAL B 125 -1.89 1.40 -18.62
CA VAL B 125 -0.54 1.65 -18.06
C VAL B 125 -0.16 3.11 -18.30
N PHE B 126 0.79 3.62 -17.51
CA PHE B 126 1.04 5.05 -17.45
C PHE B 126 2.53 5.43 -17.57
N PRO B 127 3.13 5.18 -18.76
CA PRO B 127 4.56 5.40 -18.92
C PRO B 127 4.95 6.87 -18.75
N GLU B 128 3.98 7.77 -18.86
CA GLU B 128 4.20 9.20 -18.69
C GLU B 128 3.59 9.72 -17.39
N GLY B 129 3.26 8.80 -16.47
CA GLY B 129 2.57 9.18 -15.24
C GLY B 129 1.08 9.31 -15.46
N PHE B 130 0.36 9.62 -14.38
CA PHE B 130 -1.10 9.72 -14.39
C PHE B 130 -1.58 11.10 -14.83
N PRO B 131 -2.78 11.16 -15.45
CA PRO B 131 -3.33 12.45 -15.87
C PRO B 131 -3.54 13.40 -14.68
N LYS B 132 -3.37 14.70 -14.94
CA LYS B 132 -3.50 15.75 -13.93
C LYS B 132 -4.85 15.71 -13.21
N GLU B 133 -5.93 15.44 -13.96
CA GLU B 133 -7.29 15.33 -13.40
C GLU B 133 -7.38 14.35 -12.22
N LEU B 134 -6.77 13.17 -12.39
CA LEU B 134 -6.75 12.18 -11.31
C LEU B 134 -5.99 12.67 -10.06
N LEU B 135 -4.79 13.20 -10.27
CA LEU B 135 -3.97 13.72 -9.16
C LEU B 135 -4.63 14.90 -8.44
N ASP B 136 -5.35 15.74 -9.20
CA ASP B 136 -6.14 16.83 -8.63
C ASP B 136 -7.23 16.33 -7.68
N GLU B 137 -7.96 15.30 -8.12
CA GLU B 137 -8.98 14.62 -7.32
C GLU B 137 -8.37 13.97 -6.07
N LEU B 138 -7.23 13.30 -6.23
CA LEU B 138 -6.54 12.70 -5.10
C LEU B 138 -6.05 13.75 -4.10
N GLU B 139 -5.52 14.87 -4.60
CA GLU B 139 -5.14 15.98 -3.72
C GLU B 139 -6.34 16.53 -2.96
N GLU B 140 -7.43 16.81 -3.67
CA GLU B 140 -8.64 17.36 -3.06
C GLU B 140 -9.20 16.45 -1.97
N LYS B 141 -9.14 15.14 -2.20
CA LYS B 141 -9.72 14.18 -1.26
C LYS B 141 -8.83 13.90 -0.05
N THR B 142 -7.52 14.05 -0.22
CA THR B 142 -6.57 13.77 0.86
C THR B 142 -6.00 15.03 1.52
N GLY B 143 -6.18 16.18 0.87
CA GLY B 143 -5.57 17.42 1.35
C GLY B 143 -4.05 17.44 1.26
N ARG B 144 -3.49 16.50 0.48
CA ARG B 144 -2.05 16.40 0.27
C ARG B 144 -1.66 16.53 -1.20
N LYS B 145 -0.59 17.26 -1.46
CA LYS B 145 -0.05 17.37 -2.81
C LYS B 145 0.63 16.08 -3.24
N ILE B 146 0.67 15.87 -4.55
CA ILE B 146 1.20 14.65 -5.13
C ILE B 146 2.53 14.95 -5.83
N ILE B 147 3.56 14.17 -5.50
CA ILE B 147 4.87 14.34 -6.14
C ILE B 147 5.30 13.04 -6.83
N GLY B 148 6.24 13.16 -7.75
CA GLY B 148 6.74 12.01 -8.50
C GLY B 148 5.98 11.85 -9.80
N ASN B 149 4.91 11.06 -9.74
CA ASN B 149 4.04 10.80 -10.89
C ASN B 149 4.79 10.31 -12.13
N LYS B 150 5.48 9.19 -11.99
CA LYS B 150 6.23 8.59 -13.09
C LYS B 150 6.51 7.13 -12.79
N PRO B 151 6.89 6.35 -13.82
CA PRO B 151 7.41 5.01 -13.56
C PRO B 151 8.76 5.10 -12.83
N ALA B 152 8.94 4.27 -11.81
CA ALA B 152 10.19 4.21 -11.06
C ALA B 152 10.24 2.95 -10.22
N SER B 153 11.45 2.48 -9.90
CA SER B 153 11.58 1.46 -8.87
C SER B 153 11.31 2.10 -7.50
N GLY B 154 10.78 1.30 -6.57
CA GLY B 154 10.58 1.75 -5.19
C GLY B 154 11.80 2.39 -4.56
N THR B 155 12.97 1.81 -4.79
CA THR B 155 14.21 2.33 -4.22
C THR B 155 14.59 3.71 -4.78
N GLU B 156 14.56 3.85 -6.10
CA GLU B 156 14.98 5.11 -6.72
C GLU B 156 14.04 6.28 -6.45
N ILE B 157 12.74 6.00 -6.34
CA ILE B 157 11.77 7.06 -6.05
C ILE B 157 11.93 7.59 -4.62
N LEU B 158 12.35 6.73 -3.69
CA LEU B 158 12.61 7.15 -2.31
C LEU B 158 13.92 7.92 -2.20
N ASP B 159 14.95 7.43 -2.90
CA ASP B 159 16.21 8.16 -3.00
C ASP B 159 15.94 9.59 -3.46
N GLU B 160 15.06 9.73 -4.45
CA GLU B 160 14.74 11.03 -5.04
C GLU B 160 13.83 11.91 -4.16
N LEU B 161 12.74 11.33 -3.66
CA LEU B 161 11.63 12.10 -3.09
C LEU B 161 11.31 11.82 -1.61
N GLY B 162 12.03 10.87 -1.01
CA GLY B 162 11.78 10.45 0.38
C GLY B 162 11.87 11.60 1.37
N GLN B 163 12.93 12.38 1.27
CA GLN B 163 13.12 13.53 2.17
C GLN B 163 12.00 14.57 2.02
N GLU B 164 11.71 14.96 0.77
CA GLU B 164 10.62 15.90 0.48
C GLU B 164 9.29 15.42 1.08
N GLN B 165 8.96 14.14 0.86
CA GLN B 165 7.75 13.54 1.41
C GLN B 165 7.71 13.71 2.93
N MET B 166 8.80 13.34 3.62
CA MET B 166 8.90 13.49 5.07
C MET B 166 8.66 14.91 5.53
N GLU B 167 9.25 15.87 4.82
CA GLU B 167 9.24 17.26 5.25
C GLU B 167 7.93 18.00 4.97
N THR B 168 7.19 17.54 3.97
CA THR B 168 5.99 18.25 3.48
C THR B 168 4.68 17.51 3.72
N GLY B 169 4.75 16.20 3.88
CA GLY B 169 3.53 15.40 3.99
C GLY B 169 2.82 15.21 2.65
N SER B 170 3.51 15.53 1.55
CA SER B 170 3.03 15.19 0.21
C SER B 170 3.05 13.67 0.01
N LEU B 171 2.31 13.18 -0.98
CA LEU B 171 2.28 11.74 -1.28
C LEU B 171 3.11 11.46 -2.52
N ILE B 172 4.01 10.47 -2.42
CA ILE B 172 4.77 10.02 -3.59
C ILE B 172 3.88 9.02 -4.34
N VAL B 173 3.48 9.40 -5.55
CA VAL B 173 2.67 8.54 -6.39
C VAL B 173 3.50 8.15 -7.61
N TYR B 174 3.59 6.85 -7.85
CA TYR B 174 4.39 6.35 -8.94
C TYR B 174 3.80 5.06 -9.49
N THR B 175 4.38 4.59 -10.59
CA THR B 175 3.88 3.40 -11.25
C THR B 175 5.06 2.53 -11.69
N GLY B 176 4.76 1.40 -12.33
CA GLY B 176 5.77 0.54 -12.94
C GLY B 176 5.40 0.27 -14.39
N ALA B 177 5.90 -0.84 -14.93
CA ALA B 177 5.60 -1.25 -16.30
C ALA B 177 4.18 -1.84 -16.40
N ASP B 178 3.64 -2.29 -15.27
CA ASP B 178 2.31 -2.86 -15.24
C ASP B 178 1.27 -1.84 -14.78
N SER B 179 -0.01 -2.22 -14.88
CA SER B 179 -1.12 -1.34 -14.52
C SER B 179 -1.26 -1.17 -13.01
N VAL B 180 -0.42 -0.32 -12.43
CA VAL B 180 -0.40 -0.12 -10.98
C VAL B 180 -0.29 1.36 -10.59
N LEU B 181 -0.87 1.71 -9.44
CA LEU B 181 -0.66 3.01 -8.82
C LEU B 181 -0.13 2.76 -7.42
N GLN B 182 1.08 3.24 -7.16
CA GLN B 182 1.75 2.99 -5.88
C GLN B 182 1.86 4.29 -5.10
N ILE B 183 1.59 4.24 -3.79
CA ILE B 183 1.61 5.44 -2.96
C ILE B 183 2.58 5.24 -1.80
N ALA B 184 3.66 6.01 -1.80
CA ALA B 184 4.69 5.88 -0.79
C ALA B 184 4.63 7.06 0.19
N ALA B 185 4.70 6.74 1.48
CA ALA B 185 4.71 7.77 2.53
C ALA B 185 5.45 7.23 3.76
N HIS B 186 6.16 8.13 4.43
CA HIS B 186 6.94 7.77 5.61
C HIS B 186 5.98 7.55 6.77
N GLU B 187 6.11 6.40 7.44
CA GLU B 187 5.20 6.06 8.55
C GLU B 187 5.20 7.00 9.76
N GLU B 188 6.30 7.71 10.01
CA GLU B 188 6.32 8.69 11.10
C GLU B 188 5.56 9.97 10.73
N VAL B 189 5.21 10.10 9.45
CA VAL B 189 4.52 11.28 8.93
C VAL B 189 3.07 10.95 8.59
N VAL B 190 2.86 9.79 7.95
CA VAL B 190 1.54 9.30 7.60
C VAL B 190 1.49 7.87 8.15
N PRO B 191 0.82 7.66 9.29
CA PRO B 191 0.82 6.29 9.86
C PRO B 191 0.22 5.31 8.87
N LEU B 192 0.52 4.02 9.06
CA LEU B 192 0.07 3.01 8.10
C LEU B 192 -1.44 3.01 7.89
N ASP B 193 -2.21 3.13 8.97
CA ASP B 193 -3.68 3.12 8.83
C ASP B 193 -4.18 4.31 7.99
N GLU B 194 -3.50 5.45 8.05
CA GLU B 194 -3.85 6.58 7.18
C GLU B 194 -3.44 6.35 5.72
N LEU B 195 -2.29 5.72 5.50
CA LEU B 195 -1.88 5.36 4.15
C LEU B 195 -2.90 4.42 3.52
N TYR B 196 -3.42 3.48 4.32
CA TYR B 196 -4.51 2.60 3.88
C TYR B 196 -5.75 3.38 3.43
N LYS B 197 -6.17 4.38 4.23
CA LYS B 197 -7.34 5.23 3.87
C LYS B 197 -7.09 5.96 2.56
N ILE B 198 -5.89 6.48 2.40
CA ILE B 198 -5.48 7.19 1.20
C ILE B 198 -5.54 6.29 -0.03
N CYS B 199 -4.99 5.08 0.09
CA CYS B 199 -5.02 4.09 -0.99
C CYS B 199 -6.43 3.65 -1.33
N LYS B 200 -7.28 3.51 -0.32
CA LYS B 200 -8.68 3.18 -0.52
C LYS B 200 -9.37 4.27 -1.36
N ILE B 201 -9.08 5.54 -1.04
CA ILE B 201 -9.57 6.67 -1.83
C ILE B 201 -9.06 6.61 -3.29
N ALA B 202 -7.77 6.36 -3.46
CA ALA B 202 -7.18 6.16 -4.79
C ALA B 202 -7.88 5.04 -5.57
N ARG B 203 -8.19 3.94 -4.88
CA ARG B 203 -8.87 2.82 -5.52
C ARG B 203 -10.25 3.20 -6.06
N GLU B 204 -10.98 4.02 -5.30
CA GLU B 204 -12.29 4.49 -5.71
C GLU B 204 -12.19 5.44 -6.89
N LEU B 205 -11.23 6.37 -6.84
CA LEU B 205 -11.01 7.32 -7.92
C LEU B 205 -10.56 6.66 -9.22
N THR B 206 -9.84 5.54 -9.11
CA THR B 206 -9.32 4.86 -10.29
C THR B 206 -10.27 3.80 -10.84
N LEU B 207 -11.49 3.69 -10.28
CA LEU B 207 -12.56 2.96 -10.96
C LEU B 207 -13.20 3.92 -11.97
N ASP B 208 -12.45 4.18 -13.03
CA ASP B 208 -12.77 5.21 -14.00
C ASP B 208 -11.97 4.87 -15.23
N GLU B 209 -12.65 4.70 -16.36
CA GLU B 209 -11.98 4.21 -17.56
C GLU B 209 -10.88 5.16 -18.09
N LYS B 210 -10.95 6.45 -17.75
CA LYS B 210 -9.92 7.42 -18.13
C LYS B 210 -8.57 7.12 -17.49
N TYR B 211 -8.59 6.41 -16.37
CA TYR B 211 -7.35 6.00 -15.72
C TYR B 211 -7.57 4.78 -14.83
N MET B 212 -7.97 3.68 -15.46
CA MET B 212 -8.31 2.48 -14.71
C MET B 212 -7.06 1.67 -14.42
N VAL B 213 -6.67 1.60 -13.14
CA VAL B 213 -5.49 0.85 -12.74
C VAL B 213 -5.89 -0.52 -12.18
N GLY B 214 -5.09 -1.53 -12.49
CA GLY B 214 -5.32 -2.88 -12.00
C GLY B 214 -5.23 -2.94 -10.49
N ARG B 215 -4.19 -2.33 -9.94
CA ARG B 215 -3.94 -2.44 -8.52
C ARG B 215 -3.44 -1.14 -7.93
N VAL B 216 -4.03 -0.71 -6.82
CA VAL B 216 -3.47 0.38 -6.02
C VAL B 216 -2.68 -0.28 -4.90
N ILE B 217 -1.44 0.14 -4.72
CA ILE B 217 -0.54 -0.54 -3.77
C ILE B 217 -0.01 0.44 -2.71
N ALA B 218 -0.17 0.11 -1.43
CA ALA B 218 0.46 0.89 -0.36
C ALA B 218 1.96 0.62 -0.36
N ARG B 219 2.76 1.68 -0.27
CA ARG B 219 4.21 1.55 -0.20
C ARG B 219 4.79 2.34 0.99
N PRO B 220 4.50 1.90 2.23
CA PRO B 220 5.03 2.61 3.38
C PRO B 220 6.55 2.47 3.50
N PHE B 221 7.21 3.48 4.05
CA PHE B 221 8.64 3.40 4.32
C PHE B 221 9.02 4.07 5.63
N VAL B 222 10.21 3.75 6.15
CA VAL B 222 10.73 4.38 7.37
C VAL B 222 12.19 4.76 7.13
N GLY B 223 12.82 5.37 8.13
CA GLY B 223 14.25 5.71 8.05
C GLY B 223 14.53 7.18 7.79
N GLU B 224 15.78 7.48 7.47
CA GLU B 224 16.24 8.85 7.29
C GLU B 224 16.79 9.00 5.87
N PRO B 225 16.91 10.25 5.37
CA PRO B 225 17.60 10.48 4.10
C PRO B 225 18.95 9.75 4.05
N GLY B 226 19.20 9.04 2.97
CA GLY B 226 20.40 8.21 2.84
C GLY B 226 20.22 6.79 3.34
N ASN B 227 19.15 6.55 4.10
CA ASN B 227 18.89 5.24 4.69
C ASN B 227 17.40 4.98 4.87
N PHE B 228 16.66 5.03 3.76
CA PHE B 228 15.25 4.69 3.76
C PHE B 228 15.06 3.18 3.61
N THR B 229 14.09 2.64 4.35
CA THR B 229 13.73 1.24 4.22
C THR B 229 12.27 1.11 3.82
N ARG B 230 12.03 0.43 2.70
CA ARG B 230 10.69 0.05 2.30
C ARG B 230 10.25 -1.10 3.19
N THR B 231 9.15 -0.92 3.93
CA THR B 231 8.75 -1.91 4.92
C THR B 231 8.12 -3.14 4.25
N PRO B 232 8.19 -4.31 4.91
CA PRO B 232 7.58 -5.51 4.34
C PRO B 232 6.06 -5.48 4.51
N ASN B 233 5.41 -4.67 3.68
CA ASN B 233 3.97 -4.49 3.73
C ASN B 233 3.31 -5.04 2.48
N ARG B 234 2.28 -5.84 2.68
CA ARG B 234 1.49 -6.34 1.59
C ARG B 234 0.06 -5.92 1.85
N HIS B 235 -0.33 -4.79 1.28
CA HIS B 235 -1.71 -4.31 1.37
C HIS B 235 -2.03 -3.58 0.10
N ASP B 236 -2.97 -4.12 -0.67
CA ASP B 236 -3.33 -3.52 -1.95
C ASP B 236 -4.83 -3.68 -2.27
N TYR B 237 -5.24 -3.04 -3.37
CA TYR B 237 -6.64 -2.87 -3.69
C TYR B 237 -6.86 -3.16 -5.17
N ALA B 238 -7.47 -4.31 -5.42
CA ALA B 238 -7.73 -4.76 -6.78
C ALA B 238 -9.23 -4.64 -7.04
N LEU B 239 -9.62 -4.86 -8.28
CA LEU B 239 -11.03 -4.93 -8.63
C LEU B 239 -11.43 -6.39 -8.77
N LYS B 240 -12.68 -6.68 -8.47
CA LYS B 240 -13.22 -8.00 -8.76
C LYS B 240 -13.42 -8.13 -10.28
N PRO B 241 -13.36 -9.36 -10.81
CA PRO B 241 -13.65 -9.55 -12.24
C PRO B 241 -15.01 -8.97 -12.59
N PHE B 242 -15.15 -8.47 -13.81
CA PHE B 242 -16.40 -7.86 -14.27
C PHE B 242 -17.45 -8.93 -14.61
N GLY B 243 -17.84 -9.72 -13.62
CA GLY B 243 -18.78 -10.80 -13.79
C GLY B 243 -18.37 -12.00 -12.97
N ARG B 244 -19.33 -12.86 -12.68
N ARG B 244 -19.35 -12.84 -12.66
CA ARG B 244 -19.06 -14.12 -12.00
CA ARG B 244 -19.09 -14.14 -12.04
C ARG B 244 -18.45 -15.13 -12.99
C ARG B 244 -18.37 -15.01 -13.06
N THR B 245 -17.27 -15.62 -12.63
CA THR B 245 -16.44 -16.44 -13.52
C THR B 245 -16.76 -17.93 -13.39
N VAL B 246 -16.10 -18.74 -14.21
CA VAL B 246 -16.15 -20.20 -14.09
C VAL B 246 -15.64 -20.64 -12.70
N MET B 247 -14.68 -19.89 -12.14
CA MET B 247 -14.20 -20.20 -10.78
C MET B 247 -15.28 -19.99 -9.73
N ASN B 248 -16.03 -18.88 -9.81
CA ASN B 248 -17.21 -18.67 -8.96
C ASN B 248 -18.18 -19.85 -9.06
N GLU B 249 -18.45 -20.31 -10.28
CA GLU B 249 -19.41 -21.40 -10.48
C GLU B 249 -18.90 -22.73 -9.90
N LEU B 250 -17.60 -22.99 -10.01
CA LEU B 250 -17.01 -24.20 -9.45
C LEU B 250 -17.09 -24.21 -7.93
N LYS B 251 -16.69 -23.09 -7.31
CA LYS B 251 -16.80 -22.93 -5.87
C LYS B 251 -18.25 -23.05 -5.37
N ASP B 252 -19.18 -22.35 -6.03
CA ASP B 252 -20.60 -22.42 -5.69
C ASP B 252 -21.16 -23.85 -5.83
N SER B 253 -20.57 -24.64 -6.73
CA SER B 253 -21.02 -26.01 -6.99
C SER B 253 -20.23 -27.04 -6.18
N ASP B 254 -19.50 -26.57 -5.16
CA ASP B 254 -18.85 -27.46 -4.19
C ASP B 254 -17.62 -28.19 -4.78
N TYR B 255 -16.96 -27.58 -5.76
CA TYR B 255 -15.69 -28.12 -6.27
C TYR B 255 -14.50 -27.41 -5.64
N ASP B 256 -13.36 -28.08 -5.62
CA ASP B 256 -12.12 -27.48 -5.16
C ASP B 256 -11.59 -26.53 -6.24
N VAL B 257 -11.17 -25.33 -5.82
CA VAL B 257 -10.54 -24.39 -6.73
C VAL B 257 -9.25 -23.88 -6.08
N ILE B 258 -8.13 -24.50 -6.45
CA ILE B 258 -6.84 -24.19 -5.83
C ILE B 258 -6.04 -23.18 -6.66
N ALA B 259 -5.79 -22.02 -6.08
CA ALA B 259 -5.05 -20.94 -6.75
C ALA B 259 -3.59 -20.94 -6.31
N ILE B 260 -2.68 -20.94 -7.29
CA ILE B 260 -1.24 -20.94 -7.01
C ILE B 260 -0.59 -19.70 -7.60
N GLY B 261 0.21 -19.01 -6.79
CA GLY B 261 0.91 -17.81 -7.25
C GLY B 261 0.01 -16.60 -7.21
N LYS B 262 0.09 -15.78 -8.25
CA LYS B 262 -0.70 -14.55 -8.34
C LYS B 262 -2.19 -14.79 -8.66
N ILE B 263 -2.58 -16.05 -8.92
CA ILE B 263 -3.95 -16.35 -9.36
C ILE B 263 -5.01 -15.74 -8.43
N SER B 264 -4.92 -15.98 -7.12
CA SER B 264 -5.92 -15.43 -6.20
C SER B 264 -5.99 -13.90 -6.30
N ASP B 265 -4.84 -13.23 -6.30
CA ASP B 265 -4.80 -11.77 -6.41
C ASP B 265 -5.44 -11.26 -7.70
N ILE B 266 -5.15 -11.92 -8.81
CA ILE B 266 -5.66 -11.58 -10.14
C ILE B 266 -7.20 -11.58 -10.18
N TYR B 267 -7.82 -12.58 -9.54
CA TYR B 267 -9.27 -12.68 -9.47
C TYR B 267 -9.86 -12.07 -8.18
N ASP B 268 -9.01 -11.40 -7.41
CA ASP B 268 -9.38 -10.87 -6.08
C ASP B 268 -10.05 -11.93 -5.20
N GLY B 269 -9.53 -13.16 -5.26
CA GLY B 269 -10.04 -14.26 -4.44
C GLY B 269 -11.36 -14.87 -4.88
N GLU B 270 -11.93 -14.38 -5.98
CA GLU B 270 -13.25 -14.82 -6.43
C GLU B 270 -13.28 -16.27 -6.91
N GLY B 271 -14.09 -17.08 -6.23
CA GLY B 271 -14.19 -18.49 -6.58
C GLY B 271 -13.01 -19.34 -6.12
N VAL B 272 -12.13 -18.78 -5.29
CA VAL B 272 -10.96 -19.51 -4.79
C VAL B 272 -11.28 -20.25 -3.48
N THR B 273 -10.96 -21.54 -3.40
CA THR B 273 -11.20 -22.29 -2.14
C THR B 273 -9.91 -22.46 -1.32
N GLU B 274 -8.76 -22.39 -1.98
CA GLU B 274 -7.45 -22.42 -1.32
C GLU B 274 -6.42 -21.68 -2.17
N SER B 275 -5.58 -20.89 -1.51
CA SER B 275 -4.55 -20.13 -2.23
C SER B 275 -3.16 -20.47 -1.72
N LEU B 276 -2.25 -20.73 -2.66
CA LEU B 276 -0.85 -21.04 -2.32
C LEU B 276 0.07 -19.99 -2.93
N ARG B 277 0.57 -19.07 -2.11
CA ARG B 277 1.50 -18.04 -2.61
C ARG B 277 2.83 -18.70 -3.00
N THR B 278 3.51 -18.11 -3.99
CA THR B 278 4.81 -18.60 -4.46
C THR B 278 5.81 -17.47 -4.56
N LYS B 279 7.10 -17.81 -4.53
CA LYS B 279 8.16 -16.80 -4.55
C LYS B 279 8.99 -16.83 -5.85
N SER B 280 8.74 -17.81 -6.70
CA SER B 280 9.49 -17.96 -7.94
C SER B 280 8.76 -18.94 -8.83
N ASN B 281 9.15 -18.98 -10.10
CA ASN B 281 8.64 -19.99 -11.03
C ASN B 281 8.92 -21.42 -10.55
N MET B 282 10.13 -21.67 -10.04
CA MET B 282 10.45 -23.01 -9.52
C MET B 282 9.60 -23.38 -8.31
N ASP B 283 9.35 -22.41 -7.43
CA ASP B 283 8.43 -22.57 -6.31
C ASP B 283 7.00 -22.82 -6.81
N GLY B 284 6.57 -22.10 -7.85
CA GLY B 284 5.28 -22.34 -8.50
C GLY B 284 5.13 -23.79 -8.98
N MET B 285 6.18 -24.32 -9.61
CA MET B 285 6.18 -25.72 -10.02
C MET B 285 6.14 -26.68 -8.82
N ASP B 286 6.82 -26.34 -7.72
CA ASP B 286 6.73 -27.14 -6.50
C ASP B 286 5.31 -27.16 -5.94
N LYS B 287 4.63 -26.01 -5.98
CA LYS B 287 3.24 -25.95 -5.52
C LYS B 287 2.29 -26.71 -6.46
N LEU B 288 2.55 -26.64 -7.76
CA LEU B 288 1.79 -27.48 -8.71
C LEU B 288 1.95 -28.97 -8.34
N VAL B 289 3.19 -29.40 -8.12
CA VAL B 289 3.46 -30.74 -7.64
C VAL B 289 2.70 -31.03 -6.32
N ASP B 290 2.70 -30.07 -5.39
CA ASP B 290 1.93 -30.22 -4.14
C ASP B 290 0.45 -30.51 -4.43
N THR B 291 -0.16 -29.82 -5.39
CA THR B 291 -1.59 -30.03 -5.69
C THR B 291 -1.84 -31.37 -6.37
N LEU B 292 -0.91 -31.80 -7.22
CA LEU B 292 -0.96 -33.16 -7.78
C LEU B 292 -1.00 -34.22 -6.66
N ASN B 293 -0.25 -33.98 -5.58
CA ASN B 293 -0.26 -34.85 -4.40
C ASN B 293 -1.55 -34.80 -3.58
N MET B 294 -2.38 -33.79 -3.81
CA MET B 294 -3.63 -33.65 -3.08
C MET B 294 -4.74 -34.44 -3.76
N ASP B 295 -5.64 -35.00 -2.95
CA ASP B 295 -6.86 -35.55 -3.49
C ASP B 295 -7.93 -34.45 -3.49
N PHE B 296 -8.28 -33.99 -4.68
CA PHE B 296 -9.31 -32.97 -4.84
C PHE B 296 -10.07 -33.28 -6.12
N THR B 297 -11.22 -32.64 -6.29
CA THR B 297 -11.89 -32.64 -7.57
C THR B 297 -12.28 -31.20 -7.92
N GLY B 298 -11.85 -30.77 -9.10
CA GLY B 298 -12.06 -29.40 -9.53
C GLY B 298 -10.83 -28.89 -10.25
N LEU B 299 -10.44 -27.65 -9.93
CA LEU B 299 -9.42 -26.94 -10.70
C LEU B 299 -8.21 -26.58 -9.83
N SER B 300 -7.01 -26.90 -10.33
CA SER B 300 -5.76 -26.32 -9.80
C SER B 300 -5.19 -25.38 -10.87
N PHE B 301 -4.92 -24.14 -10.48
CA PHE B 301 -4.69 -23.05 -11.44
C PHE B 301 -3.42 -22.30 -11.01
N LEU B 302 -2.37 -22.44 -11.82
CA LEU B 302 -1.06 -21.86 -11.56
C LEU B 302 -0.77 -20.69 -12.51
N ASN B 303 -0.26 -19.61 -11.94
CA ASN B 303 0.37 -18.57 -12.74
C ASN B 303 1.88 -18.55 -12.50
N LEU B 304 2.65 -18.68 -13.58
CA LEU B 304 4.10 -18.55 -13.52
C LEU B 304 4.44 -17.13 -13.94
N VAL B 305 4.67 -16.25 -12.96
CA VAL B 305 4.76 -14.81 -13.24
C VAL B 305 6.14 -14.29 -13.67
N ASP B 306 7.21 -15.01 -13.36
CA ASP B 306 8.58 -14.48 -13.57
C ASP B 306 8.85 -14.08 -15.01
N PHE B 307 8.28 -14.84 -15.96
CA PHE B 307 8.45 -14.59 -17.39
C PHE B 307 8.09 -13.14 -17.69
N ASP B 308 6.96 -12.70 -17.14
CA ASP B 308 6.47 -11.34 -17.33
C ASP B 308 7.23 -10.32 -16.48
N ALA B 309 7.26 -10.56 -15.16
CA ALA B 309 7.79 -9.58 -14.21
C ALA B 309 9.31 -9.36 -14.30
N LEU B 310 10.07 -10.43 -14.55
CA LEU B 310 11.53 -10.32 -14.50
C LEU B 310 12.17 -10.18 -15.88
N PHE B 311 11.52 -10.69 -16.91
CA PHE B 311 12.18 -10.79 -18.22
C PHE B 311 11.49 -10.06 -19.37
N GLY B 312 10.16 -10.17 -19.47
CA GLY B 312 9.40 -9.47 -20.50
C GLY B 312 9.50 -7.95 -20.37
N HIS B 313 9.07 -7.43 -19.23
CA HIS B 313 9.09 -5.98 -18.97
C HIS B 313 10.50 -5.37 -18.95
N ARG B 314 11.48 -6.14 -18.49
CA ARG B 314 12.87 -5.66 -18.46
C ARG B 314 13.57 -5.89 -19.80
N ARG B 315 12.83 -6.41 -20.77
CA ARG B 315 13.36 -6.64 -22.12
C ARG B 315 14.69 -7.43 -22.07
N ASP B 316 14.61 -8.61 -21.46
CA ASP B 316 15.77 -9.46 -21.22
C ASP B 316 15.52 -10.83 -21.88
N PRO B 317 15.81 -10.95 -23.19
CA PRO B 317 15.55 -12.21 -23.90
C PRO B 317 16.38 -13.40 -23.40
N GLN B 318 17.65 -13.17 -23.06
CA GLN B 318 18.49 -14.20 -22.45
C GLN B 318 17.89 -14.77 -21.16
N GLY B 319 17.55 -13.90 -20.21
CA GLY B 319 16.96 -14.34 -18.94
C GLY B 319 15.62 -15.04 -19.16
N TYR B 320 14.84 -14.53 -20.09
CA TYR B 320 13.54 -15.10 -20.46
C TYR B 320 13.76 -16.52 -21.01
N GLY B 321 14.72 -16.65 -21.93
CA GLY B 321 15.12 -17.97 -22.46
C GLY B 321 15.49 -18.98 -21.39
N GLU B 322 16.37 -18.58 -20.47
CA GLU B 322 16.79 -19.48 -19.39
C GLU B 322 15.63 -19.90 -18.49
N ALA B 323 14.73 -18.95 -18.21
CA ALA B 323 13.55 -19.24 -17.39
C ALA B 323 12.64 -20.26 -18.07
N LEU B 324 12.48 -20.14 -19.38
CA LEU B 324 11.68 -21.12 -20.14
C LEU B 324 12.29 -22.51 -20.11
N GLN B 325 13.61 -22.58 -20.24
CA GLN B 325 14.34 -23.86 -20.20
C GLN B 325 14.27 -24.48 -18.79
N GLU B 326 14.33 -23.64 -17.76
CA GLU B 326 14.20 -24.11 -16.37
C GLU B 326 12.81 -24.69 -16.12
N TYR B 327 11.79 -24.00 -16.62
CA TYR B 327 10.41 -24.44 -16.49
C TYR B 327 10.21 -25.78 -17.21
N ASP B 328 10.74 -25.88 -18.43
CA ASP B 328 10.55 -27.08 -19.25
C ASP B 328 11.14 -28.33 -18.59
N ALA B 329 12.26 -28.16 -17.89
CA ALA B 329 12.93 -29.27 -17.20
C ALA B 329 12.11 -29.83 -16.03
N ARG B 330 11.15 -29.05 -15.54
CA ARG B 330 10.30 -29.46 -14.43
C ARG B 330 9.13 -30.34 -14.89
N LEU B 331 8.83 -30.30 -16.19
CA LEU B 331 7.63 -30.95 -16.74
C LEU B 331 7.57 -32.48 -16.63
N PRO B 332 8.69 -33.21 -16.81
CA PRO B 332 8.51 -34.67 -16.80
C PRO B 332 7.98 -35.20 -15.46
N GLU B 333 8.32 -34.53 -14.37
CA GLU B 333 7.77 -34.92 -13.07
C GLU B 333 6.25 -34.68 -13.02
N VAL B 334 5.79 -33.58 -13.61
CA VAL B 334 4.35 -33.33 -13.76
C VAL B 334 3.66 -34.45 -14.58
N PHE B 335 4.25 -34.81 -15.73
CA PHE B 335 3.74 -35.92 -16.56
C PHE B 335 3.63 -37.22 -15.77
N ALA B 336 4.63 -37.50 -14.91
CA ALA B 336 4.66 -38.72 -14.11
C ALA B 336 3.53 -38.79 -13.07
N LYS B 337 3.07 -37.62 -12.61
CA LYS B 337 2.07 -37.55 -11.55
C LYS B 337 0.63 -37.47 -12.05
N LEU B 338 0.46 -37.07 -13.31
CA LEU B 338 -0.86 -37.01 -13.93
C LEU B 338 -1.51 -38.39 -14.00
N LYS B 339 -2.78 -38.46 -13.61
CA LYS B 339 -3.54 -39.71 -13.66
C LYS B 339 -4.40 -39.76 -14.93
N GLU B 340 -5.03 -40.90 -15.18
CA GLU B 340 -5.84 -41.10 -16.39
C GLU B 340 -7.01 -40.12 -16.46
N ASP B 341 -7.54 -39.73 -15.30
CA ASP B 341 -8.63 -38.76 -15.21
C ASP B 341 -8.19 -37.33 -14.84
N ASP B 342 -6.93 -37.00 -15.11
CA ASP B 342 -6.43 -35.62 -14.98
C ASP B 342 -6.23 -35.00 -16.36
N LEU B 343 -6.55 -33.71 -16.46
CA LEU B 343 -6.23 -32.94 -17.67
C LEU B 343 -5.27 -31.79 -17.35
N LEU B 344 -4.18 -31.71 -18.11
CA LEU B 344 -3.24 -30.59 -18.01
C LEU B 344 -3.50 -29.64 -19.17
N LEU B 345 -3.74 -28.37 -18.84
CA LEU B 345 -3.88 -27.30 -19.81
C LEU B 345 -2.77 -26.28 -19.60
N ILE B 346 -2.02 -25.97 -20.67
CA ILE B 346 -0.94 -24.96 -20.60
C ILE B 346 -1.22 -23.86 -21.62
N THR B 347 -1.14 -22.61 -21.18
CA THR B 347 -1.45 -21.47 -22.04
C THR B 347 -0.73 -20.21 -21.53
N ALA B 348 -1.10 -19.04 -22.07
CA ALA B 348 -0.59 -17.75 -21.58
C ALA B 348 -1.72 -16.75 -21.61
N ASP B 349 -1.49 -15.55 -21.07
CA ASP B 349 -2.56 -14.54 -20.93
C ASP B 349 -2.41 -13.31 -21.85
N HIS B 350 -1.25 -13.19 -22.49
CA HIS B 350 -0.89 -12.12 -23.46
C HIS B 350 0.55 -12.43 -23.86
N GLY B 351 1.14 -11.57 -24.69
CA GLY B 351 2.56 -11.65 -24.96
C GLY B 351 3.30 -10.54 -24.22
N ASN B 352 4.62 -10.62 -24.19
CA ASN B 352 5.47 -9.56 -23.66
C ASN B 352 6.86 -9.75 -24.26
N ASP B 353 6.97 -9.40 -25.54
CA ASP B 353 8.13 -9.69 -26.37
C ASP B 353 9.38 -8.94 -25.86
N PRO B 354 10.40 -9.69 -25.37
CA PRO B 354 11.55 -9.03 -24.74
C PRO B 354 12.50 -8.27 -25.69
N ILE B 355 12.22 -8.23 -26.99
CA ILE B 355 12.96 -7.36 -27.91
C ILE B 355 12.12 -6.19 -28.45
N HIS B 356 10.85 -6.13 -28.03
CA HIS B 356 9.92 -5.10 -28.50
C HIS B 356 10.26 -3.74 -27.87
N PRO B 357 10.01 -2.62 -28.60
CA PRO B 357 10.19 -1.29 -27.99
C PRO B 357 9.37 -1.12 -26.71
N GLY B 358 9.80 -0.19 -25.87
CA GLY B 358 9.04 0.19 -24.68
C GLY B 358 9.03 -0.90 -23.61
N THR B 359 8.05 -0.84 -22.72
CA THR B 359 8.01 -1.73 -21.56
C THR B 359 6.69 -2.49 -21.43
N ASP B 360 5.77 -2.26 -22.36
CA ASP B 360 4.40 -2.79 -22.26
C ASP B 360 4.33 -4.23 -22.78
N HIS B 361 3.24 -4.92 -22.44
CA HIS B 361 2.89 -6.21 -23.03
C HIS B 361 2.73 -6.09 -24.55
N THR B 362 2.66 -7.23 -25.23
CA THR B 362 2.40 -7.29 -26.67
C THR B 362 1.13 -8.08 -26.99
N ARG B 363 0.38 -7.61 -27.98
CA ARG B 363 -0.89 -8.23 -28.37
C ARG B 363 -0.60 -9.42 -29.26
N GLU B 364 -0.64 -10.61 -28.65
CA GLU B 364 -0.22 -11.84 -29.31
C GLU B 364 -1.24 -12.94 -29.14
N TYR B 365 -1.24 -13.89 -30.07
CA TYR B 365 -1.85 -15.19 -29.85
C TYR B 365 -1.12 -15.81 -28.66
N VAL B 366 -1.83 -16.69 -27.93
CA VAL B 366 -1.20 -17.49 -26.87
C VAL B 366 -1.27 -18.97 -27.24
N PRO B 367 -0.25 -19.75 -26.85
CA PRO B 367 -0.32 -21.19 -27.14
C PRO B 367 -1.37 -21.89 -26.28
N LEU B 368 -1.86 -23.02 -26.74
CA LEU B 368 -2.72 -23.89 -25.94
C LEU B 368 -2.32 -25.35 -26.17
N LEU B 369 -1.96 -26.03 -25.08
CA LEU B 369 -1.69 -27.46 -25.09
C LEU B 369 -2.61 -28.14 -24.07
N ALA B 370 -3.22 -29.25 -24.49
CA ALA B 370 -4.13 -30.00 -23.63
C ALA B 370 -3.77 -31.48 -23.62
N TYR B 371 -3.30 -31.95 -22.46
CA TYR B 371 -2.78 -33.30 -22.33
C TYR B 371 -3.33 -34.06 -21.12
N SER B 372 -3.80 -35.28 -21.38
CA SER B 372 -4.09 -36.29 -20.34
C SER B 372 -3.37 -37.58 -20.72
N PRO B 373 -2.85 -38.31 -19.71
CA PRO B 373 -2.29 -39.65 -19.95
C PRO B 373 -3.30 -40.62 -20.60
N SER B 374 -4.59 -40.28 -20.52
CA SER B 374 -5.62 -41.11 -21.17
C SER B 374 -5.65 -40.97 -22.70
N MET B 375 -4.89 -40.00 -23.24
CA MET B 375 -4.77 -39.84 -24.69
C MET B 375 -3.77 -40.85 -25.24
N LYS B 376 -4.19 -42.11 -25.34
CA LYS B 376 -3.29 -43.22 -25.67
C LYS B 376 -2.67 -43.16 -27.07
N GLU B 377 -3.29 -42.41 -27.99
CA GLU B 377 -2.73 -42.26 -29.32
C GLU B 377 -2.21 -40.85 -29.55
N GLY B 378 -2.10 -40.08 -28.47
CA GLY B 378 -1.69 -38.70 -28.55
C GLY B 378 -2.79 -37.81 -29.06
N GLY B 379 -2.46 -36.55 -29.33
CA GLY B 379 -3.47 -35.58 -29.75
C GLY B 379 -3.28 -35.11 -31.17
N GLN B 380 -4.03 -34.08 -31.54
CA GLN B 380 -3.93 -33.49 -32.85
C GLN B 380 -4.29 -32.02 -32.72
N GLU B 381 -4.27 -31.32 -33.85
CA GLU B 381 -4.58 -29.91 -33.85
C GLU B 381 -6.07 -29.68 -33.59
N LEU B 382 -6.36 -28.72 -32.72
CA LEU B 382 -7.71 -28.23 -32.47
C LEU B 382 -7.97 -27.00 -33.33
N PRO B 383 -9.25 -26.72 -33.64
CA PRO B 383 -9.54 -25.43 -34.27
C PRO B 383 -9.01 -24.27 -33.41
N LEU B 384 -8.51 -23.23 -34.07
CA LEU B 384 -8.08 -21.98 -33.42
C LEU B 384 -9.14 -21.48 -32.43
N ARG B 385 -8.75 -21.20 -31.18
CA ARG B 385 -9.71 -20.68 -30.20
C ARG B 385 -9.98 -19.18 -30.41
N GLN B 386 -11.25 -18.82 -30.63
CA GLN B 386 -11.64 -17.44 -30.96
C GLN B 386 -11.66 -16.50 -29.77
N THR B 387 -11.68 -17.08 -28.58
CA THR B 387 -11.59 -16.31 -27.33
C THR B 387 -10.89 -17.19 -26.30
N PHE B 388 -10.20 -16.56 -25.35
CA PHE B 388 -9.56 -17.26 -24.26
C PHE B 388 -10.63 -17.97 -23.42
N ALA B 389 -11.87 -17.47 -23.48
CA ALA B 389 -13.01 -18.03 -22.73
C ALA B 389 -13.32 -19.47 -23.10
N ASP B 390 -12.78 -19.95 -24.23
CA ASP B 390 -12.89 -21.36 -24.60
C ASP B 390 -12.34 -22.29 -23.50
N ILE B 391 -11.31 -21.83 -22.80
CA ILE B 391 -10.77 -22.57 -21.64
C ILE B 391 -11.81 -22.70 -20.51
N GLY B 392 -12.34 -21.57 -20.03
CA GLY B 392 -13.40 -21.58 -19.02
C GLY B 392 -14.59 -22.43 -19.43
N ALA B 393 -14.98 -22.34 -20.70
CA ALA B 393 -16.13 -23.10 -21.19
C ALA B 393 -15.87 -24.60 -21.12
N THR B 394 -14.62 -24.99 -21.43
CA THR B 394 -14.23 -26.41 -21.40
C THR B 394 -14.25 -26.93 -19.95
N VAL B 395 -13.68 -26.14 -19.06
CA VAL B 395 -13.67 -26.42 -17.63
C VAL B 395 -15.11 -26.56 -17.11
N ALA B 396 -15.98 -25.60 -17.40
CA ALA B 396 -17.39 -25.67 -16.98
C ALA B 396 -18.12 -26.90 -17.53
N GLU B 397 -17.94 -27.18 -18.82
CA GLU B 397 -18.58 -28.37 -19.40
C GLU B 397 -18.09 -29.63 -18.69
N ASN B 398 -16.79 -29.70 -18.41
CA ASN B 398 -16.22 -30.88 -17.78
C ASN B 398 -16.86 -31.19 -16.43
N PHE B 399 -17.07 -30.15 -15.63
CA PHE B 399 -17.58 -30.34 -14.27
C PHE B 399 -19.10 -30.22 -14.16
N GLY B 400 -19.75 -30.00 -15.30
CA GLY B 400 -21.21 -29.98 -15.36
C GLY B 400 -21.84 -28.78 -14.66
N VAL B 401 -21.12 -27.66 -14.62
CA VAL B 401 -21.62 -26.44 -13.99
C VAL B 401 -22.13 -25.44 -15.04
N LYS B 402 -22.75 -24.34 -14.59
CA LYS B 402 -23.31 -23.33 -15.50
C LYS B 402 -22.24 -22.89 -16.50
N MET B 403 -22.58 -22.95 -17.79
CA MET B 403 -21.67 -22.58 -18.87
C MET B 403 -21.47 -21.05 -18.87
N PRO B 404 -20.24 -20.58 -19.18
CA PRO B 404 -20.07 -19.13 -19.23
C PRO B 404 -20.80 -18.52 -20.42
N GLU B 405 -21.03 -17.21 -20.38
CA GLU B 405 -21.73 -16.49 -21.44
C GLU B 405 -20.92 -16.52 -22.75
N TYR B 406 -19.59 -16.54 -22.62
CA TYR B 406 -18.68 -16.51 -23.77
C TYR B 406 -17.83 -17.76 -23.76
N GLY B 407 -17.26 -18.12 -24.90
CA GLY B 407 -16.40 -19.30 -24.99
C GLY B 407 -17.10 -20.53 -25.54
N THR B 408 -16.35 -21.33 -26.30
CA THR B 408 -16.82 -22.57 -26.89
C THR B 408 -15.92 -23.69 -26.38
N SER B 409 -16.52 -24.65 -25.68
CA SER B 409 -15.79 -25.78 -25.12
C SER B 409 -15.11 -26.62 -26.20
N PHE B 410 -13.88 -27.06 -25.95
CA PHE B 410 -13.24 -28.04 -26.84
C PHE B 410 -13.18 -29.43 -26.18
N LEU B 411 -13.96 -29.61 -25.10
CA LEU B 411 -13.93 -30.85 -24.32
C LEU B 411 -14.14 -32.11 -25.17
N ASN B 412 -15.16 -32.11 -26.00
CA ASN B 412 -15.47 -33.28 -26.81
C ASN B 412 -14.44 -33.54 -27.92
N GLU B 413 -13.69 -32.50 -28.29
CA GLU B 413 -12.63 -32.63 -29.28
C GLU B 413 -11.41 -33.38 -28.72
N LEU B 414 -11.27 -33.39 -27.39
CA LEU B 414 -10.16 -34.07 -26.73
C LEU B 414 -10.29 -35.58 -26.78
N LYS C 25 -4.19 2.98 19.86
CA LYS C 25 -3.20 2.78 20.96
C LYS C 25 -2.09 1.79 20.54
N TYR C 26 -2.47 0.62 20.06
CA TYR C 26 -1.51 -0.34 19.52
C TYR C 26 -1.69 -0.47 18.01
N LYS C 27 -0.58 -0.43 17.27
CA LYS C 27 -0.61 -0.62 15.82
C LYS C 27 -0.97 -2.07 15.49
N ARG C 28 -0.42 -3.00 16.28
CA ARG C 28 -0.58 -4.43 16.04
C ARG C 28 -0.94 -5.15 17.33
N ILE C 29 -1.90 -6.07 17.23
CA ILE C 29 -2.25 -6.97 18.32
C ILE C 29 -1.99 -8.39 17.86
N PHE C 30 -1.17 -9.09 18.63
CA PHE C 30 -0.87 -10.50 18.39
C PHE C 30 -1.65 -11.31 19.42
N LEU C 31 -2.60 -12.10 18.93
CA LEU C 31 -3.46 -12.91 19.80
C LEU C 31 -3.16 -14.39 19.60
N VAL C 32 -2.76 -15.05 20.68
CA VAL C 32 -2.37 -16.46 20.66
C VAL C 32 -3.36 -17.26 21.50
N VAL C 33 -4.05 -18.20 20.87
CA VAL C 33 -4.87 -19.18 21.56
C VAL C 33 -4.07 -20.48 21.67
N MET C 34 -3.68 -20.82 22.90
CA MET C 34 -3.10 -22.12 23.19
C MET C 34 -4.32 -22.99 23.36
N ASP C 35 -4.69 -23.71 22.31
CA ASP C 35 -5.98 -24.40 22.28
C ASP C 35 -6.14 -25.46 23.37
N SER C 36 -7.18 -25.30 24.20
CA SER C 36 -7.55 -26.22 25.29
C SER C 36 -6.70 -26.07 26.57
N VAL C 37 -5.81 -25.09 26.60
CA VAL C 37 -4.91 -24.92 27.73
C VAL C 37 -5.65 -24.21 28.87
N GLY C 38 -6.50 -24.96 29.57
CA GLY C 38 -7.35 -24.44 30.65
C GLY C 38 -6.62 -24.28 31.97
N ILE C 39 -7.18 -23.48 32.86
CA ILE C 39 -6.53 -23.19 34.14
C ILE C 39 -7.44 -23.47 35.36
N GLY C 40 -8.24 -24.53 35.27
CA GLY C 40 -9.04 -24.98 36.41
C GLY C 40 -10.54 -24.86 36.20
N GLU C 41 -11.27 -25.81 36.78
CA GLU C 41 -12.72 -25.94 36.57
C GLU C 41 -13.47 -24.61 36.76
N ALA C 42 -14.40 -24.36 35.85
CA ALA C 42 -15.22 -23.16 35.86
C ALA C 42 -16.31 -23.25 36.94
N PRO C 43 -16.89 -22.08 37.32
CA PRO C 43 -17.96 -22.12 38.34
C PRO C 43 -19.13 -23.01 37.95
N ASP C 44 -19.37 -23.20 36.66
CA ASP C 44 -20.45 -24.08 36.18
C ASP C 44 -19.98 -25.45 35.65
N ALA C 45 -18.82 -25.91 36.12
CA ALA C 45 -18.22 -27.18 35.67
C ALA C 45 -19.07 -28.42 35.97
N GLU C 46 -19.80 -28.38 37.09
CA GLU C 46 -20.71 -29.47 37.49
C GLU C 46 -21.74 -29.79 36.39
N GLN C 47 -22.31 -28.75 35.78
CA GLN C 47 -23.30 -28.90 34.71
C GLN C 47 -22.74 -29.61 33.48
N PHE C 48 -21.44 -29.48 33.25
CA PHE C 48 -20.78 -30.09 32.10
C PHE C 48 -20.08 -31.41 32.44
N GLY C 49 -20.27 -31.90 33.68
CA GLY C 49 -19.61 -33.12 34.16
C GLY C 49 -18.10 -32.97 34.25
N ASP C 50 -17.64 -31.78 34.64
CA ASP C 50 -16.21 -31.44 34.61
C ASP C 50 -15.62 -31.03 35.96
N LEU C 51 -16.24 -31.46 37.06
CA LEU C 51 -15.69 -31.21 38.39
C LEU C 51 -14.28 -31.78 38.50
N GLY C 52 -13.40 -31.03 39.16
CA GLY C 52 -12.02 -31.47 39.37
C GLY C 52 -11.07 -31.22 38.21
N SER C 53 -11.60 -30.73 37.09
CA SER C 53 -10.78 -30.49 35.90
C SER C 53 -9.77 -29.36 36.14
N ASP C 54 -8.58 -29.53 35.56
CA ASP C 54 -7.48 -28.59 35.73
C ASP C 54 -6.37 -28.95 34.73
N THR C 55 -6.45 -28.37 33.53
CA THR C 55 -5.53 -28.75 32.45
C THR C 55 -4.06 -28.48 32.81
N ILE C 56 -3.69 -27.21 32.98
CA ILE C 56 -2.29 -26.88 33.27
C ILE C 56 -1.86 -27.50 34.60
N GLY C 57 -2.70 -27.38 35.62
CA GLY C 57 -2.38 -27.87 36.96
C GLY C 57 -2.07 -29.35 37.02
N HIS C 58 -2.85 -30.16 36.29
CA HIS C 58 -2.65 -31.61 36.28
C HIS C 58 -1.47 -32.02 35.40
N ILE C 59 -1.22 -31.26 34.34
CA ILE C 59 -0.01 -31.46 33.55
C ILE C 59 1.21 -31.15 34.44
N ALA C 60 1.13 -30.05 35.20
CA ALA C 60 2.17 -29.65 36.13
C ALA C 60 2.47 -30.75 37.16
N GLU C 61 1.41 -31.32 37.72
CA GLU C 61 1.53 -32.48 38.63
C GLU C 61 2.22 -33.66 37.93
N HIS C 62 1.79 -33.97 36.71
CA HIS C 62 2.40 -35.07 35.95
C HIS C 62 3.89 -34.89 35.68
N MET C 63 4.29 -33.67 35.30
CA MET C 63 5.68 -33.36 34.98
C MET C 63 6.52 -33.23 36.25
N ASN C 64 5.86 -33.34 37.41
CA ASN C 64 6.45 -33.07 38.72
C ASN C 64 7.17 -31.72 38.72
N GLY C 65 6.52 -30.72 38.15
CA GLY C 65 7.13 -29.42 37.91
C GLY C 65 7.18 -29.13 36.43
N LEU C 66 6.28 -28.25 35.98
CA LEU C 66 6.24 -27.81 34.60
C LEU C 66 7.25 -26.68 34.45
N GLN C 67 8.04 -26.72 33.37
CA GLN C 67 9.08 -25.72 33.15
C GLN C 67 8.65 -24.72 32.07
N MET C 68 8.08 -23.61 32.51
CA MET C 68 7.60 -22.57 31.60
C MET C 68 8.07 -21.17 32.05
N PRO C 69 9.41 -20.96 32.08
CA PRO C 69 9.93 -19.71 32.67
C PRO C 69 9.39 -18.46 31.97
N ASN C 70 9.15 -18.55 30.66
CA ASN C 70 8.71 -17.38 29.90
C ASN C 70 7.27 -16.98 30.18
N MET C 71 6.38 -17.97 30.24
CA MET C 71 5.01 -17.75 30.72
C MET C 71 4.99 -17.25 32.17
N VAL C 72 5.86 -17.82 33.00
CA VAL C 72 6.06 -17.35 34.39
C VAL C 72 6.49 -15.88 34.46
N LYS C 73 7.46 -15.50 33.62
CA LYS C 73 7.88 -14.09 33.54
C LYS C 73 6.75 -13.15 33.11
N LEU C 74 5.81 -13.67 32.32
CA LEU C 74 4.63 -12.92 31.90
C LEU C 74 3.62 -12.74 33.04
N GLY C 75 3.57 -13.71 33.95
CA GLY C 75 2.67 -13.66 35.10
C GLY C 75 1.71 -14.82 35.21
N LEU C 76 2.04 -15.94 34.57
CA LEU C 76 1.17 -17.12 34.59
C LEU C 76 0.95 -17.64 36.02
N GLY C 77 2.01 -17.68 36.81
CA GLY C 77 1.94 -18.10 38.22
C GLY C 77 1.20 -17.11 39.11
N ASN C 78 1.16 -15.85 38.68
CA ASN C 78 0.40 -14.81 39.37
C ASN C 78 -1.11 -15.02 39.24
N ILE C 79 -1.54 -15.59 38.12
CA ILE C 79 -2.92 -16.01 37.92
C ILE C 79 -3.24 -17.14 38.90
N ARG C 80 -2.45 -18.20 38.84
CA ARG C 80 -2.63 -19.37 39.70
C ARG C 80 -1.29 -20.07 39.86
N GLU C 81 -0.91 -20.35 41.11
CA GLU C 81 0.31 -21.09 41.38
C GLU C 81 0.08 -22.59 41.18
N MET C 82 1.00 -23.20 40.45
CA MET C 82 0.94 -24.63 40.12
C MET C 82 2.35 -25.19 40.22
N LYS C 83 2.50 -26.51 40.16
CA LYS C 83 3.81 -27.13 40.35
C LYS C 83 4.81 -26.71 39.26
N GLY C 84 5.89 -26.07 39.71
CA GLY C 84 6.91 -25.52 38.81
C GLY C 84 6.58 -24.13 38.27
N ILE C 85 5.37 -23.66 38.55
CA ILE C 85 4.89 -22.37 38.05
C ILE C 85 4.53 -21.49 39.25
N SER C 86 5.47 -20.62 39.63
CA SER C 86 5.27 -19.73 40.77
C SER C 86 5.03 -18.29 40.32
N LYS C 87 4.42 -17.49 41.19
CA LYS C 87 4.18 -16.08 40.91
C LYS C 87 5.49 -15.30 40.98
N VAL C 88 5.57 -14.20 40.23
CA VAL C 88 6.75 -13.36 40.24
C VAL C 88 6.44 -11.97 40.82
N GLU C 89 7.45 -11.31 41.38
CA GLU C 89 7.31 -9.96 41.93
C GLU C 89 6.84 -8.98 40.86
N LYS C 90 7.57 -8.90 39.76
CA LYS C 90 7.26 -7.97 38.68
C LYS C 90 6.95 -8.70 37.37
N PRO C 91 5.68 -9.06 37.12
CA PRO C 91 5.29 -9.70 35.86
C PRO C 91 5.47 -8.74 34.69
N LEU C 92 5.91 -9.25 33.53
CA LEU C 92 6.14 -8.44 32.34
C LEU C 92 4.88 -7.71 31.88
N GLY C 93 3.74 -8.39 31.97
CA GLY C 93 2.48 -7.80 31.53
C GLY C 93 1.36 -8.04 32.52
N TYR C 94 0.14 -7.70 32.09
CA TYR C 94 -1.04 -7.86 32.93
C TYR C 94 -1.56 -9.28 32.83
N TYR C 95 -2.30 -9.70 33.86
CA TYR C 95 -2.73 -11.10 33.97
C TYR C 95 -4.08 -11.23 34.69
N THR C 96 -4.82 -12.24 34.27
CA THR C 96 -6.06 -12.65 34.95
C THR C 96 -6.50 -13.98 34.33
N LYS C 97 -7.72 -14.40 34.63
CA LYS C 97 -8.34 -15.50 33.92
C LYS C 97 -9.70 -15.08 33.36
N MET C 98 -10.25 -15.89 32.47
CA MET C 98 -11.54 -15.57 31.84
C MET C 98 -12.57 -16.69 32.05
N GLN C 99 -13.81 -16.29 32.30
CA GLN C 99 -14.92 -17.22 32.45
C GLN C 99 -15.71 -17.25 31.13
N GLU C 100 -16.02 -18.46 30.66
CA GLU C 100 -16.85 -18.62 29.46
C GLU C 100 -18.31 -18.35 29.82
N LYS C 101 -18.97 -17.55 28.99
CA LYS C 101 -20.38 -17.22 29.18
C LYS C 101 -21.30 -18.11 28.33
N SER C 102 -20.84 -18.48 27.13
CA SER C 102 -21.61 -19.34 26.22
C SER C 102 -21.88 -20.72 26.82
N THR C 103 -22.91 -21.39 26.31
CA THR C 103 -23.39 -22.65 26.88
C THR C 103 -22.64 -23.89 26.39
N GLY C 104 -21.68 -23.69 25.49
CA GLY C 104 -20.85 -24.81 24.99
C GLY C 104 -19.41 -24.71 25.45
N LYS C 105 -18.69 -25.83 25.33
CA LYS C 105 -17.26 -25.87 25.68
C LYS C 105 -16.36 -26.29 24.50
N ASP C 106 -16.89 -26.21 23.29
CA ASP C 106 -16.17 -26.57 22.06
C ASP C 106 -15.28 -25.43 21.51
N MET C 108 -15.21 -23.95 18.49
CA MET C 108 -15.93 -22.93 17.74
C MET C 108 -16.63 -21.94 18.69
N THR C 109 -17.36 -22.48 19.67
CA THR C 109 -18.03 -21.66 20.67
C THR C 109 -17.04 -20.75 21.39
N GLY C 110 -15.92 -21.31 21.84
CA GLY C 110 -14.89 -20.57 22.54
C GLY C 110 -14.29 -19.45 21.69
N HIS C 111 -13.98 -19.76 20.43
CA HIS C 111 -13.39 -18.77 19.53
C HIS C 111 -14.37 -17.69 19.09
N TRP C 112 -15.61 -18.09 18.85
CA TRP C 112 -16.67 -17.12 18.50
C TRP C 112 -16.94 -16.16 19.67
N GLU C 113 -16.89 -16.67 20.90
CA GLU C 113 -17.05 -15.81 22.07
C GLU C 113 -15.88 -14.83 22.19
N ILE C 114 -14.65 -15.34 22.07
CA ILE C 114 -13.45 -14.48 22.06
C ILE C 114 -13.63 -13.28 21.12
N MET C 115 -14.24 -13.53 19.96
CA MET C 115 -14.43 -12.47 18.97
C MET C 115 -15.78 -11.75 19.02
N GLY C 116 -16.48 -11.90 20.16
CA GLY C 116 -17.59 -11.00 20.50
C GLY C 116 -18.99 -11.56 20.55
N LEU C 117 -19.14 -12.87 20.30
CA LEU C 117 -20.46 -13.48 20.25
C LEU C 117 -20.88 -14.12 21.58
N TYR C 118 -22.18 -14.38 21.72
CA TYR C 118 -22.69 -15.21 22.80
C TYR C 118 -23.43 -16.37 22.17
N ILE C 119 -22.99 -17.58 22.46
CA ILE C 119 -23.61 -18.77 21.87
C ILE C 119 -24.46 -19.50 22.92
N ASP C 120 -25.76 -19.60 22.66
CA ASP C 120 -26.65 -20.34 23.56
C ASP C 120 -27.17 -21.64 22.94
N THR C 121 -26.62 -21.99 21.78
CA THR C 121 -26.94 -23.26 21.13
C THR C 121 -25.63 -24.01 20.83
N PRO C 122 -25.18 -24.82 21.81
CA PRO C 122 -23.89 -25.52 21.70
C PRO C 122 -23.88 -26.61 20.64
N PHE C 123 -22.69 -26.85 20.07
CA PHE C 123 -22.47 -27.96 19.17
C PHE C 123 -22.29 -29.23 19.99
N GLN C 124 -22.92 -30.30 19.53
CA GLN C 124 -22.98 -31.54 20.30
C GLN C 124 -21.89 -32.54 19.95
N VAL C 125 -21.42 -33.24 20.97
CA VAL C 125 -20.54 -34.40 20.80
C VAL C 125 -21.46 -35.63 20.79
N PHE C 126 -21.04 -36.69 20.09
CA PHE C 126 -21.87 -37.89 19.99
C PHE C 126 -21.14 -39.18 20.41
N PRO C 127 -20.91 -39.35 21.73
CA PRO C 127 -20.16 -40.51 22.24
C PRO C 127 -20.85 -41.86 22.00
N GLU C 128 -22.15 -41.85 21.76
CA GLU C 128 -22.89 -43.08 21.48
C GLU C 128 -23.44 -43.12 20.05
N GLY C 129 -22.88 -42.28 19.18
CA GLY C 129 -23.32 -42.19 17.78
C GLY C 129 -24.40 -41.14 17.58
N PHE C 130 -24.82 -40.98 16.32
CA PHE C 130 -25.83 -39.99 15.95
C PHE C 130 -27.24 -40.56 16.11
N PRO C 131 -28.24 -39.69 16.38
CA PRO C 131 -29.61 -40.18 16.58
C PRO C 131 -30.16 -40.88 15.35
N LYS C 132 -31.10 -41.81 15.58
CA LYS C 132 -31.69 -42.61 14.51
C LYS C 132 -32.41 -41.76 13.47
N GLU C 133 -33.09 -40.69 13.92
CA GLU C 133 -33.81 -39.78 13.03
C GLU C 133 -32.89 -39.16 11.96
N LEU C 134 -31.71 -38.72 12.36
CA LEU C 134 -30.75 -38.11 11.44
C LEU C 134 -30.23 -39.10 10.40
N LEU C 135 -29.88 -40.30 10.85
CA LEU C 135 -29.34 -41.31 9.94
C LEU C 135 -30.39 -41.83 8.97
N ASP C 136 -31.64 -41.94 9.44
CA ASP C 136 -32.78 -42.26 8.56
C ASP C 136 -32.95 -41.19 7.47
N GLU C 137 -32.82 -39.92 7.85
CA GLU C 137 -32.97 -38.81 6.92
C GLU C 137 -31.83 -38.81 5.88
N LEU C 138 -30.62 -39.11 6.33
CA LEU C 138 -29.47 -39.24 5.44
C LEU C 138 -29.66 -40.39 4.46
N GLU C 139 -30.16 -41.53 4.95
CA GLU C 139 -30.46 -42.69 4.11
C GLU C 139 -31.47 -42.33 3.04
N GLU C 140 -32.57 -41.69 3.45
CA GLU C 140 -33.64 -41.25 2.56
C GLU C 140 -33.19 -40.22 1.52
N LYS C 141 -32.20 -39.41 1.86
CA LYS C 141 -31.69 -38.39 0.95
C LYS C 141 -30.63 -38.91 -0.03
N THR C 142 -29.92 -39.98 0.35
CA THR C 142 -28.77 -40.48 -0.44
C THR C 142 -29.04 -41.80 -1.18
N GLY C 143 -30.06 -42.52 -0.73
CA GLY C 143 -30.34 -43.87 -1.23
C GLY C 143 -29.34 -44.93 -0.77
N ARG C 144 -28.52 -44.59 0.22
CA ARG C 144 -27.51 -45.51 0.76
C ARG C 144 -27.77 -45.74 2.23
N LYS C 145 -27.45 -46.95 2.71
CA LYS C 145 -27.56 -47.25 4.14
C LYS C 145 -26.34 -46.68 4.87
N ILE C 146 -26.47 -46.52 6.19
CA ILE C 146 -25.37 -46.00 7.01
C ILE C 146 -24.85 -47.09 7.95
N ILE C 147 -23.54 -47.25 8.00
CA ILE C 147 -22.89 -48.21 8.89
C ILE C 147 -21.89 -47.48 9.80
N GLY C 148 -21.44 -48.15 10.86
CA GLY C 148 -20.53 -47.53 11.84
C GLY C 148 -21.29 -46.83 12.94
N ASN C 149 -21.57 -45.55 12.73
CA ASN C 149 -22.29 -44.71 13.70
C ASN C 149 -21.74 -44.78 15.13
N LYS C 150 -20.45 -44.48 15.27
CA LYS C 150 -19.77 -44.50 16.57
C LYS C 150 -18.51 -43.63 16.50
N PRO C 151 -17.97 -43.24 17.68
CA PRO C 151 -16.66 -42.60 17.63
C PRO C 151 -15.61 -43.63 17.25
N ALA C 152 -14.67 -43.23 16.40
CA ALA C 152 -13.59 -44.10 15.96
C ALA C 152 -12.47 -43.26 15.36
N SER C 153 -11.25 -43.78 15.38
CA SER C 153 -10.19 -43.20 14.56
C SER C 153 -10.46 -43.63 13.11
N GLY C 154 -9.99 -42.82 12.16
CA GLY C 154 -10.15 -43.12 10.74
C GLY C 154 -9.54 -44.45 10.34
N THR C 155 -8.37 -44.77 10.91
CA THR C 155 -7.66 -45.99 10.56
C THR C 155 -8.42 -47.25 10.99
N GLU C 156 -8.93 -47.27 12.23
CA GLU C 156 -9.60 -48.45 12.74
C GLU C 156 -10.99 -48.69 12.14
N ILE C 157 -11.70 -47.62 11.80
CA ILE C 157 -13.04 -47.74 11.22
C ILE C 157 -12.97 -48.32 9.80
N LEU C 158 -11.91 -47.97 9.06
CA LEU C 158 -11.66 -48.56 7.73
C LEU C 158 -11.24 -50.03 7.85
N ASP C 159 -10.40 -50.33 8.85
CA ASP C 159 -10.05 -51.71 9.17
C ASP C 159 -11.31 -52.53 9.43
N GLU C 160 -12.23 -51.97 10.20
CA GLU C 160 -13.46 -52.65 10.56
C GLU C 160 -14.48 -52.76 9.41
N LEU C 161 -14.73 -51.64 8.71
CA LEU C 161 -15.88 -51.55 7.79
C LEU C 161 -15.55 -51.19 6.35
N GLY C 162 -14.29 -50.97 6.03
CA GLY C 162 -13.89 -50.59 4.67
C GLY C 162 -14.36 -51.58 3.63
N GLN C 163 -14.18 -52.86 3.89
CA GLN C 163 -14.58 -53.91 2.96
C GLN C 163 -16.09 -53.93 2.75
N GLU C 164 -16.87 -53.84 3.84
CA GLU C 164 -18.33 -53.81 3.73
C GLU C 164 -18.79 -52.59 2.92
N GLN C 165 -18.15 -51.45 3.17
CA GLN C 165 -18.43 -50.23 2.43
C GLN C 165 -18.28 -50.48 0.92
N MET C 166 -17.12 -50.99 0.52
CA MET C 166 -16.85 -51.30 -0.89
C MET C 166 -17.89 -52.21 -1.52
N GLU C 167 -18.40 -53.15 -0.74
CA GLU C 167 -19.28 -54.21 -1.23
C GLU C 167 -20.75 -53.77 -1.34
N THR C 168 -21.18 -52.90 -0.43
CA THR C 168 -22.58 -52.53 -0.32
C THR C 168 -22.86 -51.15 -0.92
N GLY C 169 -21.85 -50.28 -0.91
CA GLY C 169 -22.05 -48.88 -1.24
C GLY C 169 -22.62 -48.10 -0.07
N SER C 170 -22.73 -48.76 1.09
CA SER C 170 -23.20 -48.09 2.32
C SER C 170 -22.20 -47.02 2.75
N LEU C 171 -22.67 -46.02 3.48
CA LEU C 171 -21.79 -44.95 3.97
C LEU C 171 -21.29 -45.19 5.39
N ILE C 172 -19.98 -45.08 5.58
CA ILE C 172 -19.41 -45.17 6.92
C ILE C 172 -19.52 -43.78 7.56
N VAL C 173 -20.41 -43.66 8.55
CA VAL C 173 -20.59 -42.39 9.25
C VAL C 173 -20.05 -42.55 10.65
N TYR C 174 -19.09 -41.70 11.02
CA TYR C 174 -18.46 -41.82 12.31
C TYR C 174 -18.09 -40.46 12.89
N THR C 175 -17.79 -40.44 14.18
CA THR C 175 -17.41 -39.19 14.82
C THR C 175 -16.03 -39.33 15.48
N GLY C 176 -15.51 -38.22 15.98
CA GLY C 176 -14.26 -38.22 16.75
C GLY C 176 -14.53 -37.74 18.15
N ALA C 177 -13.50 -37.19 18.80
CA ALA C 177 -13.68 -36.62 20.12
C ALA C 177 -14.28 -35.20 20.08
N ASP C 178 -14.21 -34.53 18.92
CA ASP C 178 -14.80 -33.21 18.73
C ASP C 178 -16.15 -33.28 18.01
N SER C 179 -16.83 -32.13 17.88
CA SER C 179 -18.15 -32.07 17.23
C SER C 179 -18.06 -32.20 15.70
N VAL C 180 -17.87 -33.43 15.24
CA VAL C 180 -17.68 -33.69 13.81
C VAL C 180 -18.57 -34.84 13.35
N LEU C 181 -18.97 -34.77 12.08
CA LEU C 181 -19.62 -35.89 11.43
C LEU C 181 -18.78 -36.22 10.21
N GLN C 182 -18.19 -37.41 10.22
CA GLN C 182 -17.26 -37.80 9.16
C GLN C 182 -17.89 -38.90 8.32
N ILE C 183 -17.75 -38.77 7.00
CA ILE C 183 -18.33 -39.75 6.07
C ILE C 183 -17.25 -40.35 5.18
N ALA C 184 -16.95 -41.63 5.39
CA ALA C 184 -15.94 -42.34 4.61
C ALA C 184 -16.57 -43.19 3.52
N ALA C 185 -16.03 -43.11 2.32
CA ALA C 185 -16.42 -44.00 1.22
C ALA C 185 -15.22 -44.24 0.29
N HIS C 186 -15.09 -45.46 -0.21
CA HIS C 186 -14.01 -45.80 -1.13
C HIS C 186 -14.18 -45.06 -2.45
N GLU C 187 -13.12 -44.38 -2.88
CA GLU C 187 -13.16 -43.56 -4.10
C GLU C 187 -13.42 -44.32 -5.38
N GLU C 188 -13.13 -45.62 -5.42
CA GLU C 188 -13.37 -46.43 -6.62
C GLU C 188 -14.81 -46.94 -6.67
N VAL C 189 -15.56 -46.68 -5.61
CA VAL C 189 -16.93 -47.14 -5.46
C VAL C 189 -17.87 -45.93 -5.41
N VAL C 190 -17.47 -44.89 -4.67
CA VAL C 190 -18.19 -43.62 -4.62
C VAL C 190 -17.22 -42.52 -5.08
N PRO C 191 -17.41 -42.00 -6.31
CA PRO C 191 -16.56 -40.92 -6.82
C PRO C 191 -16.49 -39.72 -5.84
N LEU C 192 -15.36 -39.01 -5.82
CA LEU C 192 -15.17 -37.92 -4.87
C LEU C 192 -16.30 -36.87 -4.93
N ASP C 193 -16.68 -36.46 -6.14
CA ASP C 193 -17.72 -35.43 -6.29
C ASP C 193 -19.05 -35.92 -5.72
N GLU C 194 -19.28 -37.23 -5.81
CA GLU C 194 -20.47 -37.85 -5.22
C GLU C 194 -20.40 -37.87 -3.69
N LEU C 195 -19.21 -38.10 -3.14
CA LEU C 195 -19.04 -38.02 -1.67
C LEU C 195 -19.27 -36.58 -1.16
N TYR C 196 -18.78 -35.61 -1.93
CA TYR C 196 -19.00 -34.18 -1.62
C TYR C 196 -20.50 -33.86 -1.58
N LYS C 197 -21.26 -34.37 -2.55
CA LYS C 197 -22.72 -34.17 -2.59
C LYS C 197 -23.35 -34.72 -1.33
N ILE C 198 -22.90 -35.90 -0.92
CA ILE C 198 -23.41 -36.57 0.28
C ILE C 198 -23.12 -35.75 1.53
N CYS C 199 -21.89 -35.24 1.63
CA CYS C 199 -21.48 -34.41 2.77
C CYS C 199 -22.26 -33.09 2.80
N LYS C 200 -22.51 -32.50 1.63
CA LYS C 200 -23.30 -31.28 1.55
C LYS C 200 -24.73 -31.51 2.07
N ILE C 201 -25.31 -32.65 1.70
CA ILE C 201 -26.62 -33.06 2.20
C ILE C 201 -26.59 -33.20 3.73
N ALA C 202 -25.62 -33.96 4.24
CA ALA C 202 -25.45 -34.14 5.68
C ALA C 202 -25.27 -32.82 6.43
N ARG C 203 -24.55 -31.86 5.82
CA ARG C 203 -24.38 -30.51 6.40
C ARG C 203 -25.72 -29.79 6.53
N GLU C 204 -26.53 -29.88 5.48
CA GLU C 204 -27.86 -29.29 5.49
C GLU C 204 -28.75 -29.90 6.57
N LEU C 205 -28.67 -31.22 6.75
CA LEU C 205 -29.47 -31.93 7.76
C LEU C 205 -29.04 -31.61 9.20
N THR C 206 -27.75 -31.40 9.41
CA THR C 206 -27.19 -31.16 10.74
C THR C 206 -27.18 -29.68 11.12
N LEU C 207 -27.99 -28.89 10.40
CA LEU C 207 -28.26 -27.50 10.74
C LEU C 207 -29.32 -27.44 11.84
N ASP C 208 -30.09 -28.53 11.94
CA ASP C 208 -31.16 -28.65 12.93
C ASP C 208 -30.59 -28.64 14.35
N GLU C 209 -31.20 -27.83 15.22
CA GLU C 209 -30.76 -27.69 16.61
C GLU C 209 -30.82 -28.99 17.41
N LYS C 210 -31.53 -29.99 16.89
CA LYS C 210 -31.63 -31.32 17.52
C LYS C 210 -30.29 -32.07 17.45
N TYR C 211 -29.58 -31.90 16.34
CA TYR C 211 -28.28 -32.54 16.15
C TYR C 211 -27.29 -31.64 15.40
N MET C 212 -27.01 -30.49 16.01
CA MET C 212 -26.11 -29.50 15.40
C MET C 212 -24.64 -29.88 15.55
N VAL C 213 -24.05 -30.19 14.41
CA VAL C 213 -22.67 -30.64 14.34
C VAL C 213 -21.81 -29.46 13.90
N GLY C 214 -20.63 -29.32 14.52
CA GLY C 214 -19.72 -28.24 14.19
C GLY C 214 -19.21 -28.30 12.77
N ARG C 215 -18.87 -29.51 12.32
CA ARG C 215 -18.29 -29.70 11.02
C ARG C 215 -18.63 -31.07 10.42
N VAL C 216 -19.00 -31.07 9.14
CA VAL C 216 -19.10 -32.30 8.36
C VAL C 216 -17.80 -32.43 7.57
N ILE C 217 -17.19 -33.62 7.61
CA ILE C 217 -15.89 -33.85 6.95
C ILE C 217 -15.94 -35.04 5.98
N ALA C 218 -15.57 -34.80 4.73
CA ALA C 218 -15.41 -35.89 3.76
C ALA C 218 -14.18 -36.72 4.11
N ARG C 219 -14.33 -38.04 4.12
CA ARG C 219 -13.21 -38.95 4.39
C ARG C 219 -13.06 -40.02 3.28
N PRO C 220 -12.69 -39.59 2.05
CA PRO C 220 -12.49 -40.58 1.01
C PRO C 220 -11.31 -41.51 1.32
N PHE C 221 -11.39 -42.76 0.88
CA PHE C 221 -10.28 -43.69 1.07
C PHE C 221 -10.06 -44.55 -0.18
N VAL C 222 -8.88 -45.15 -0.26
CA VAL C 222 -8.56 -46.09 -1.33
C VAL C 222 -7.92 -47.35 -0.73
N GLY C 223 -7.57 -48.31 -1.59
CA GLY C 223 -6.87 -49.51 -1.16
C GLY C 223 -7.71 -50.78 -1.21
N GLU C 224 -7.15 -51.84 -0.64
CA GLU C 224 -7.80 -53.15 -0.60
C GLU C 224 -7.97 -53.57 0.88
N PRO C 225 -8.82 -54.58 1.15
CA PRO C 225 -8.99 -55.06 2.53
C PRO C 225 -7.64 -55.32 3.23
N GLY C 226 -7.52 -54.83 4.46
CA GLY C 226 -6.29 -54.96 5.23
C GLY C 226 -5.22 -53.95 4.85
N ASN C 227 -5.49 -53.14 3.83
CA ASN C 227 -4.55 -52.13 3.35
C ASN C 227 -5.30 -50.90 2.82
N PHE C 228 -6.21 -50.38 3.64
CA PHE C 228 -6.98 -49.18 3.31
C PHE C 228 -6.25 -47.92 3.78
N THR C 229 -6.23 -46.89 2.94
CA THR C 229 -5.66 -45.60 3.34
C THR C 229 -6.56 -44.42 2.98
N ARG C 230 -6.62 -43.47 3.90
CA ARG C 230 -7.35 -42.23 3.73
C ARG C 230 -6.53 -41.39 2.76
N THR C 231 -7.20 -40.81 1.75
CA THR C 231 -6.48 -40.00 0.78
C THR C 231 -6.21 -38.61 1.40
N PRO C 232 -5.18 -37.90 0.89
CA PRO C 232 -4.92 -36.53 1.38
C PRO C 232 -5.97 -35.52 0.87
N ASN C 233 -7.16 -35.57 1.47
CA ASN C 233 -8.27 -34.71 1.07
C ASN C 233 -8.62 -33.73 2.19
N ARG C 234 -8.70 -32.45 1.86
CA ARG C 234 -9.19 -31.46 2.80
C ARG C 234 -10.44 -30.78 2.23
N HIS C 235 -11.60 -31.30 2.56
CA HIS C 235 -12.85 -30.74 2.09
C HIS C 235 -13.91 -30.97 3.15
N ASP C 236 -14.32 -29.87 3.79
CA ASP C 236 -15.28 -29.95 4.88
C ASP C 236 -16.29 -28.80 4.77
N TYR C 237 -17.28 -28.83 5.66
CA TYR C 237 -18.43 -27.94 5.60
C TYR C 237 -18.64 -27.41 7.02
N ALA C 238 -18.25 -26.17 7.20
CA ALA C 238 -18.27 -25.53 8.51
C ALA C 238 -19.43 -24.55 8.59
N LEU C 239 -19.87 -24.26 9.81
CA LEU C 239 -20.82 -23.18 9.98
C LEU C 239 -20.10 -21.86 10.09
N LYS C 240 -20.69 -20.84 9.49
CA LYS C 240 -20.24 -19.47 9.71
C LYS C 240 -20.63 -19.07 11.13
N PRO C 241 -19.84 -18.20 11.78
CA PRO C 241 -20.21 -17.71 13.11
C PRO C 241 -21.63 -17.14 13.08
N PHE C 242 -22.34 -17.29 14.20
CA PHE C 242 -23.76 -16.89 14.29
C PHE C 242 -23.92 -15.38 14.46
N GLY C 243 -23.26 -14.62 13.61
CA GLY C 243 -23.32 -13.17 13.65
C GLY C 243 -21.96 -12.60 13.30
N ARG C 244 -21.92 -11.33 12.95
CA ARG C 244 -20.68 -10.64 12.65
C ARG C 244 -19.77 -10.60 13.87
N THR C 245 -18.49 -10.88 13.65
CA THR C 245 -17.49 -10.85 14.71
C THR C 245 -16.65 -9.58 14.60
N VAL C 246 -15.82 -9.36 15.62
CA VAL C 246 -14.82 -8.29 15.62
C VAL C 246 -13.90 -8.38 14.39
N MET C 247 -13.56 -9.60 13.98
CA MET C 247 -12.79 -9.81 12.75
C MET C 247 -13.50 -9.24 11.51
N ASN C 248 -14.80 -9.46 11.38
CA ASN C 248 -15.56 -8.81 10.30
C ASN C 248 -15.41 -7.29 10.33
N GLU C 249 -15.52 -6.69 11.52
CA GLU C 249 -15.44 -5.24 11.67
C GLU C 249 -14.07 -4.71 11.28
N LEU C 250 -13.02 -5.41 11.71
CA LEU C 250 -11.62 -5.07 11.35
C LEU C 250 -11.41 -5.12 9.84
N LYS C 251 -11.82 -6.23 9.22
CA LYS C 251 -11.69 -6.43 7.76
C LYS C 251 -12.42 -5.35 6.97
N ASP C 252 -13.69 -5.12 7.32
CA ASP C 252 -14.50 -4.11 6.64
C ASP C 252 -13.98 -2.69 6.86
N SER C 253 -13.17 -2.49 7.90
CA SER C 253 -12.57 -1.19 8.17
C SER C 253 -11.14 -1.07 7.61
N ASP C 254 -10.76 -2.01 6.75
CA ASP C 254 -9.49 -1.97 5.99
C ASP C 254 -8.26 -2.26 6.86
N TYR C 255 -8.45 -2.99 7.95
CA TYR C 255 -7.33 -3.50 8.74
C TYR C 255 -6.85 -4.84 8.22
N ASP C 256 -5.60 -5.17 8.53
CA ASP C 256 -5.05 -6.51 8.30
C ASP C 256 -5.56 -7.48 9.36
N VAL C 257 -6.06 -8.64 8.91
CA VAL C 257 -6.49 -9.69 9.82
C VAL C 257 -5.83 -10.99 9.36
N ILE C 258 -4.70 -11.29 9.99
CA ILE C 258 -3.90 -12.45 9.60
C ILE C 258 -4.25 -13.63 10.50
N ALA C 259 -4.75 -14.68 9.88
CA ALA C 259 -5.17 -15.90 10.59
C ALA C 259 -4.09 -16.95 10.44
N ILE C 260 -3.63 -17.51 11.56
CA ILE C 260 -2.59 -18.53 11.54
C ILE C 260 -3.10 -19.85 12.10
N GLY C 261 -2.87 -20.93 11.35
CA GLY C 261 -3.29 -22.26 11.74
C GLY C 261 -4.77 -22.50 11.45
N LYS C 262 -5.48 -23.09 12.41
CA LYS C 262 -6.90 -23.43 12.23
C LYS C 262 -7.86 -22.22 12.33
N ILE C 263 -7.32 -21.03 12.63
CA ILE C 263 -8.13 -19.82 12.84
C ILE C 263 -9.13 -19.56 11.69
N SER C 264 -8.63 -19.57 10.45
CA SER C 264 -9.51 -19.32 9.31
C SER C 264 -10.66 -20.35 9.24
N ASP C 265 -10.34 -21.63 9.36
CA ASP C 265 -11.38 -22.68 9.42
C ASP C 265 -12.39 -22.49 10.53
N ILE C 266 -11.92 -22.09 11.70
CA ILE C 266 -12.78 -21.94 12.89
C ILE C 266 -13.83 -20.86 12.65
N TYR C 267 -13.44 -19.80 11.93
CA TYR C 267 -14.34 -18.70 11.65
C TYR C 267 -14.94 -18.77 10.24
N ASP C 268 -14.72 -19.91 9.56
CA ASP C 268 -15.07 -20.09 8.14
C ASP C 268 -14.64 -18.90 7.27
N GLY C 269 -13.44 -18.38 7.53
CA GLY C 269 -12.86 -17.32 6.72
C GLY C 269 -13.39 -15.91 7.01
N GLU C 270 -14.36 -15.83 7.93
CA GLU C 270 -15.05 -14.57 8.18
C GLU C 270 -14.10 -13.54 8.80
N GLY C 271 -13.91 -12.43 8.09
CA GLY C 271 -13.08 -11.34 8.57
C GLY C 271 -11.59 -11.53 8.36
N VAL C 272 -11.21 -12.61 7.66
CA VAL C 272 -9.81 -12.96 7.43
C VAL C 272 -9.30 -12.30 6.14
N THR C 273 -8.14 -11.64 6.22
CA THR C 273 -7.54 -11.04 5.02
C THR C 273 -6.37 -11.88 4.50
N GLU C 274 -5.77 -12.68 5.37
CA GLU C 274 -4.70 -13.60 4.97
C GLU C 274 -4.68 -14.80 5.92
N SER C 275 -4.56 -15.99 5.34
CA SER C 275 -4.54 -17.21 6.12
C SER C 275 -3.25 -17.98 5.91
N LEU C 276 -2.59 -18.32 7.00
CA LEU C 276 -1.37 -19.12 6.97
C LEU C 276 -1.62 -20.45 7.69
N ARG C 277 -1.77 -21.51 6.90
CA ARG C 277 -1.92 -22.85 7.44
C ARG C 277 -0.63 -23.32 8.08
N THR C 278 -0.75 -24.15 9.11
CA THR C 278 0.41 -24.69 9.83
C THR C 278 0.29 -26.21 10.01
N LYS C 279 1.43 -26.88 10.15
CA LYS C 279 1.46 -28.33 10.29
C LYS C 279 1.78 -28.82 11.72
N SER C 280 2.20 -27.91 12.60
CA SER C 280 2.55 -28.24 13.98
C SER C 280 2.55 -26.97 14.81
N ASN C 281 2.59 -27.11 16.14
CA ASN C 281 2.75 -25.97 17.03
C ASN C 281 4.02 -25.16 16.72
N MET C 282 5.11 -25.84 16.36
CA MET C 282 6.37 -25.15 16.09
C MET C 282 6.30 -24.37 14.79
N ASP C 283 5.64 -24.95 13.78
CA ASP C 283 5.31 -24.26 12.54
C ASP C 283 4.44 -23.02 12.80
N GLY C 284 3.50 -23.15 13.74
CA GLY C 284 2.66 -22.03 14.17
C GLY C 284 3.44 -20.88 14.78
N MET C 285 4.40 -21.21 15.65
CA MET C 285 5.28 -20.20 16.22
C MET C 285 6.19 -19.58 15.13
N ASP C 286 6.64 -20.39 14.17
CA ASP C 286 7.40 -19.87 13.02
C ASP C 286 6.57 -18.83 12.26
N LYS C 287 5.30 -19.16 11.98
CA LYS C 287 4.40 -18.23 11.30
C LYS C 287 4.08 -16.98 12.13
N LEU C 288 3.93 -17.15 13.44
CA LEU C 288 3.76 -15.99 14.30
C LEU C 288 4.96 -15.05 14.13
N VAL C 289 6.18 -15.58 14.18
CA VAL C 289 7.39 -14.78 13.95
C VAL C 289 7.38 -14.12 12.57
N ASP C 290 6.97 -14.86 11.54
CA ASP C 290 6.82 -14.28 10.20
C ASP C 290 5.93 -13.03 10.22
N THR C 291 4.81 -13.10 10.96
CA THR C 291 3.92 -11.93 11.03
C THR C 291 4.55 -10.76 11.81
N LEU C 292 5.30 -11.08 12.86
CA LEU C 292 6.08 -10.05 13.57
C LEU C 292 7.02 -9.29 12.63
N ASN C 293 7.60 -10.03 11.66
CA ASN C 293 8.51 -9.46 10.67
C ASN C 293 7.79 -8.74 9.52
N MET C 294 6.46 -8.79 9.51
CA MET C 294 5.66 -8.06 8.53
C MET C 294 5.27 -6.71 9.08
N ASP C 295 5.14 -5.72 8.19
CA ASP C 295 4.55 -4.45 8.55
C ASP C 295 3.06 -4.54 8.25
N PHE C 296 2.25 -4.54 9.30
CA PHE C 296 0.80 -4.54 9.13
C PHE C 296 0.19 -3.69 10.24
N THR C 297 -1.08 -3.36 10.10
CA THR C 297 -1.85 -2.82 11.21
C THR C 297 -3.18 -3.57 11.33
N GLY C 298 -3.49 -4.03 12.53
CA GLY C 298 -4.61 -4.93 12.74
C GLY C 298 -4.21 -6.09 13.63
N LEU C 299 -4.76 -7.26 13.30
CA LEU C 299 -4.68 -8.43 14.17
C LEU C 299 -3.93 -9.60 13.51
N SER C 300 -2.99 -10.17 14.26
CA SER C 300 -2.43 -11.47 13.91
C SER C 300 -2.96 -12.43 14.96
N PHE C 301 -3.61 -13.50 14.50
CA PHE C 301 -4.41 -14.37 15.36
C PHE C 301 -3.94 -15.81 15.12
N LEU C 302 -3.30 -16.40 16.14
CA LEU C 302 -2.75 -17.76 16.04
C LEU C 302 -3.53 -18.74 16.93
N ASN C 303 -3.77 -19.92 16.36
CA ASN C 303 -4.23 -21.06 17.14
C ASN C 303 -3.14 -22.14 17.17
N LEU C 304 -2.68 -22.50 18.36
CA LEU C 304 -1.80 -23.66 18.55
C LEU C 304 -2.66 -24.87 18.93
N VAL C 305 -2.90 -25.73 17.94
CA VAL C 305 -3.91 -26.77 18.06
C VAL C 305 -3.43 -28.10 18.63
N ASP C 306 -2.13 -28.36 18.58
CA ASP C 306 -1.57 -29.65 19.00
C ASP C 306 -1.96 -30.02 20.42
N PHE C 307 -1.96 -29.02 21.32
CA PHE C 307 -2.34 -29.21 22.71
C PHE C 307 -3.66 -29.98 22.79
N ASP C 308 -4.64 -29.52 22.02
CA ASP C 308 -5.96 -30.14 21.99
C ASP C 308 -5.98 -31.45 21.20
N ALA C 309 -5.49 -31.41 19.97
CA ALA C 309 -5.65 -32.53 19.04
C ALA C 309 -4.77 -33.74 19.34
N LEU C 310 -3.55 -33.50 19.80
CA LEU C 310 -2.59 -34.59 20.00
C LEU C 310 -2.48 -35.05 21.45
N PHE C 311 -2.78 -34.16 22.40
CA PHE C 311 -2.49 -34.46 23.80
C PHE C 311 -3.70 -34.43 24.74
N GLY C 312 -4.60 -33.47 24.52
CA GLY C 312 -5.83 -33.38 25.30
C GLY C 312 -6.74 -34.56 25.05
N HIS C 313 -7.22 -34.70 23.80
CA HIS C 313 -8.18 -35.75 23.48
C HIS C 313 -7.60 -37.14 23.62
N ARG C 314 -6.30 -37.28 23.35
CA ARG C 314 -5.63 -38.58 23.48
C ARG C 314 -5.26 -38.88 24.93
N ARG C 315 -5.57 -37.94 25.81
CA ARG C 315 -5.31 -38.06 27.25
C ARG C 315 -3.86 -38.43 27.54
N ASP C 316 -2.95 -37.57 27.09
CA ASP C 316 -1.52 -37.83 27.16
C ASP C 316 -0.84 -36.67 27.91
N PRO C 317 -0.84 -36.72 29.26
CA PRO C 317 -0.25 -35.63 30.04
C PRO C 317 1.23 -35.39 29.78
N GLN C 318 2.00 -36.45 29.52
CA GLN C 318 3.43 -36.32 29.24
C GLN C 318 3.71 -35.54 27.95
N GLY C 319 3.07 -35.95 26.86
CA GLY C 319 3.21 -35.26 25.58
C GLY C 319 2.71 -33.82 25.64
N TYR C 320 1.64 -33.61 26.40
CA TYR C 320 1.06 -32.29 26.58
C TYR C 320 2.06 -31.37 27.30
N GLY C 321 2.65 -31.89 28.37
CA GLY C 321 3.67 -31.19 29.15
C GLY C 321 4.90 -30.83 28.33
N GLU C 322 5.40 -31.78 27.56
CA GLU C 322 6.53 -31.55 26.67
C GLU C 322 6.18 -30.50 25.57
N ALA C 323 4.95 -30.51 25.08
CA ALA C 323 4.50 -29.52 24.10
C ALA C 323 4.45 -28.11 24.71
N LEU C 324 3.93 -28.00 25.93
CA LEU C 324 3.87 -26.72 26.63
C LEU C 324 5.27 -26.16 26.83
N GLN C 325 6.22 -27.03 27.15
CA GLN C 325 7.62 -26.65 27.33
C GLN C 325 8.29 -26.22 26.02
N GLU C 326 8.03 -26.95 24.93
CA GLU C 326 8.56 -26.58 23.61
C GLU C 326 8.02 -25.23 23.14
N TYR C 327 6.74 -25.01 23.39
CA TYR C 327 6.10 -23.73 23.10
C TYR C 327 6.75 -22.61 23.91
N ASP C 328 6.93 -22.85 25.22
CA ASP C 328 7.51 -21.84 26.09
C ASP C 328 8.89 -21.37 25.63
N ALA C 329 9.70 -22.30 25.12
CA ALA C 329 11.06 -21.99 24.68
C ALA C 329 11.12 -21.09 23.44
N ARG C 330 9.99 -20.96 22.75
CA ARG C 330 9.89 -20.15 21.53
C ARG C 330 9.51 -18.68 21.82
N LEU C 331 9.11 -18.42 23.06
CA LEU C 331 8.65 -17.08 23.46
C LEU C 331 9.73 -15.99 23.51
N PRO C 332 10.98 -16.34 23.91
CA PRO C 332 12.01 -15.29 23.89
C PRO C 332 12.17 -14.64 22.52
N GLU C 333 12.04 -15.43 21.45
CA GLU C 333 12.10 -14.89 20.08
C GLU C 333 10.93 -13.93 19.81
N VAL C 334 9.76 -14.24 20.33
CA VAL C 334 8.59 -13.37 20.20
C VAL C 334 8.75 -12.07 21.00
N PHE C 335 9.26 -12.18 22.24
CA PHE C 335 9.47 -11.01 23.09
C PHE C 335 10.44 -10.01 22.47
N ALA C 336 11.47 -10.53 21.79
CA ALA C 336 12.50 -9.72 21.15
C ALA C 336 11.98 -8.92 19.94
N LYS C 337 10.99 -9.47 19.23
CA LYS C 337 10.43 -8.82 18.03
C LYS C 337 9.33 -7.80 18.35
N LEU C 338 8.76 -7.91 19.54
CA LEU C 338 7.67 -7.01 19.97
C LEU C 338 8.12 -5.56 20.03
N LYS C 339 7.39 -4.69 19.32
CA LYS C 339 7.67 -3.27 19.36
C LYS C 339 6.81 -2.57 20.43
N GLU C 340 7.15 -1.32 20.72
CA GLU C 340 6.49 -0.52 21.76
C GLU C 340 4.98 -0.39 21.57
N ASP C 341 4.55 -0.31 20.31
CA ASP C 341 3.12 -0.22 19.99
C ASP C 341 2.52 -1.55 19.50
N ASP C 342 3.10 -2.67 19.96
CA ASP C 342 2.52 -4.00 19.84
C ASP C 342 1.94 -4.47 21.17
N LEU C 343 0.87 -5.24 21.09
CA LEU C 343 0.28 -5.90 22.25
C LEU C 343 0.20 -7.40 22.00
N LEU C 344 0.79 -8.20 22.89
CA LEU C 344 0.67 -9.65 22.84
C LEU C 344 -0.42 -10.08 23.82
N LEU C 345 -1.38 -10.86 23.33
CA LEU C 345 -2.40 -11.47 24.17
C LEU C 345 -2.32 -12.98 24.04
N ILE C 346 -2.25 -13.67 25.18
CA ILE C 346 -2.19 -15.12 25.21
C ILE C 346 -3.35 -15.62 26.06
N THR C 347 -4.11 -16.55 25.49
CA THR C 347 -5.28 -17.12 26.14
C THR C 347 -5.55 -18.56 25.68
N ALA C 348 -6.72 -19.07 26.01
CA ALA C 348 -7.20 -20.37 25.55
C ALA C 348 -8.71 -20.28 25.30
N ASP C 349 -9.28 -21.34 24.73
CA ASP C 349 -10.69 -21.34 24.31
C ASP C 349 -11.60 -22.27 25.11
N HIS C 350 -11.00 -23.12 25.95
CA HIS C 350 -11.67 -24.07 26.86
C HIS C 350 -10.56 -24.90 27.50
N GLY C 351 -10.92 -25.91 28.28
CA GLY C 351 -9.95 -26.88 28.79
C GLY C 351 -10.02 -28.20 28.04
N ASN C 352 -9.00 -29.03 28.24
CA ASN C 352 -9.01 -30.41 27.75
C ASN C 352 -8.01 -31.20 28.58
N ASP C 353 -8.38 -31.42 29.84
CA ASP C 353 -7.52 -31.99 30.86
C ASP C 353 -7.11 -33.42 30.46
N PRO C 354 -5.80 -33.64 30.23
CA PRO C 354 -5.34 -34.94 29.73
C PRO C 354 -5.40 -36.08 30.76
N ILE C 355 -5.87 -35.81 31.98
CA ILE C 355 -6.09 -36.91 32.95
C ILE C 355 -7.58 -37.18 33.22
N HIS C 356 -8.44 -36.32 32.67
CA HIS C 356 -9.90 -36.41 32.84
C HIS C 356 -10.47 -37.70 32.23
N PRO C 357 -11.57 -38.24 32.81
CA PRO C 357 -12.30 -39.34 32.16
C PRO C 357 -12.83 -39.01 30.76
N GLY C 358 -13.11 -40.04 29.96
CA GLY C 358 -13.60 -39.86 28.59
C GLY C 358 -12.59 -39.17 27.69
N THR C 359 -13.09 -38.50 26.66
CA THR C 359 -12.22 -37.84 25.67
C THR C 359 -12.71 -36.45 25.28
N ASP C 360 -13.66 -35.91 26.05
CA ASP C 360 -14.28 -34.60 25.75
C ASP C 360 -13.48 -33.46 26.39
N HIS C 361 -13.71 -32.24 25.90
CA HIS C 361 -13.17 -31.02 26.54
C HIS C 361 -13.63 -30.90 27.99
N THR C 362 -13.01 -29.98 28.73
CA THR C 362 -13.38 -29.71 30.11
C THR C 362 -13.73 -28.23 30.30
N ARG C 363 -14.80 -27.96 31.04
CA ARG C 363 -15.30 -26.61 31.22
C ARG C 363 -14.46 -25.87 32.26
N GLU C 364 -13.49 -25.07 31.79
CA GLU C 364 -12.50 -24.44 32.65
C GLU C 364 -12.40 -22.95 32.40
N TYR C 365 -11.91 -22.23 33.41
CA TYR C 365 -11.37 -20.89 33.21
C TYR C 365 -10.23 -20.99 32.21
N VAL C 366 -9.96 -19.91 31.48
CA VAL C 366 -8.79 -19.84 30.61
C VAL C 366 -7.89 -18.70 31.07
N PRO C 367 -6.55 -18.87 30.95
CA PRO C 367 -5.65 -17.81 31.37
C PRO C 367 -5.72 -16.62 30.41
N LEU C 368 -5.34 -15.44 30.92
CA LEU C 368 -5.15 -14.29 30.04
C LEU C 368 -3.91 -13.53 30.47
N LEU C 369 -2.99 -13.36 29.52
CA LEU C 369 -1.81 -12.52 29.70
C LEU C 369 -1.81 -11.46 28.60
N ALA C 370 -1.50 -10.22 28.98
CA ALA C 370 -1.51 -9.09 28.06
C ALA C 370 -0.22 -8.32 28.22
N TYR C 371 0.63 -8.34 27.20
CA TYR C 371 1.97 -7.77 27.31
C TYR C 371 2.37 -6.87 26.14
N SER C 372 2.85 -5.67 26.47
CA SER C 372 3.53 -4.81 25.52
C SER C 372 4.86 -4.35 26.13
N PRO C 373 5.92 -4.27 25.30
CA PRO C 373 7.20 -3.71 25.76
C PRO C 373 7.06 -2.29 26.31
N SER C 374 5.96 -1.61 25.97
CA SER C 374 5.69 -0.26 26.49
C SER C 374 5.33 -0.26 27.98
N MET C 375 5.03 -1.44 28.51
CA MET C 375 4.73 -1.59 29.94
C MET C 375 6.02 -1.56 30.76
N LYS C 376 6.54 -0.35 30.96
CA LYS C 376 7.86 -0.13 31.59
C LYS C 376 7.94 -0.55 33.05
N GLU C 377 6.80 -0.52 33.75
CA GLU C 377 6.74 -0.90 35.17
C GLU C 377 6.13 -2.29 35.32
N GLY C 378 6.09 -3.04 34.23
CA GLY C 378 5.46 -4.37 34.21
C GLY C 378 3.95 -4.28 34.33
N GLY C 379 3.30 -5.42 34.61
CA GLY C 379 1.85 -5.45 34.69
C GLY C 379 1.34 -5.76 36.07
N GLN C 380 0.01 -5.81 36.21
CA GLN C 380 -0.62 -6.19 37.46
C GLN C 380 -1.91 -6.98 37.17
N GLU C 381 -2.65 -7.31 38.24
CA GLU C 381 -3.85 -8.11 38.11
C GLU C 381 -5.00 -7.31 37.49
N LEU C 382 -5.63 -7.91 36.48
CA LEU C 382 -6.86 -7.41 35.89
C LEU C 382 -8.04 -8.07 36.58
N PRO C 383 -9.20 -7.39 36.63
CA PRO C 383 -10.41 -8.04 37.12
C PRO C 383 -10.77 -9.25 36.25
N LEU C 384 -11.25 -10.32 36.88
CA LEU C 384 -11.70 -11.54 36.20
C LEU C 384 -12.61 -11.18 35.02
N ARG C 385 -12.29 -11.69 33.83
CA ARG C 385 -13.14 -11.40 32.67
C ARG C 385 -14.35 -12.32 32.72
N GLN C 386 -15.55 -11.73 32.75
CA GLN C 386 -16.80 -12.49 32.88
C GLN C 386 -17.29 -13.13 31.57
N THR C 387 -16.67 -12.76 30.46
CA THR C 387 -16.90 -13.42 29.17
C THR C 387 -15.62 -13.38 28.33
N PHE C 388 -15.41 -14.40 27.49
CA PHE C 388 -14.28 -14.40 26.57
C PHE C 388 -14.35 -13.19 25.65
N ALA C 389 -15.56 -12.69 25.40
CA ALA C 389 -15.80 -11.55 24.51
C ALA C 389 -15.08 -10.25 24.91
N ASP C 390 -14.60 -10.18 26.15
CA ASP C 390 -13.75 -9.07 26.59
C ASP C 390 -12.52 -8.86 25.71
N ILE C 391 -11.97 -9.96 25.18
CA ILE C 391 -10.82 -9.87 24.25
C ILE C 391 -11.24 -9.14 22.98
N GLY C 392 -12.34 -9.57 22.37
CA GLY C 392 -12.88 -8.92 21.16
C GLY C 392 -13.15 -7.43 21.38
N ALA C 393 -13.74 -7.11 22.53
CA ALA C 393 -14.09 -5.73 22.87
C ALA C 393 -12.83 -4.87 22.96
N THR C 394 -11.78 -5.42 23.57
CA THR C 394 -10.48 -4.74 23.69
C THR C 394 -9.89 -4.47 22.31
N VAL C 395 -9.91 -5.48 21.45
CA VAL C 395 -9.41 -5.36 20.08
C VAL C 395 -10.21 -4.33 19.27
N ALA C 396 -11.54 -4.39 19.37
CA ALA C 396 -12.41 -3.44 18.69
C ALA C 396 -12.17 -2.01 19.15
N GLU C 397 -12.08 -1.81 20.47
CA GLU C 397 -11.84 -0.46 20.99
C GLU C 397 -10.49 0.08 20.51
N ASN C 398 -9.46 -0.77 20.58
CA ASN C 398 -8.13 -0.38 20.16
C ASN C 398 -8.10 0.21 18.74
N PHE C 399 -8.77 -0.45 17.81
CA PHE C 399 -8.75 -0.06 16.40
C PHE C 399 -9.92 0.82 15.97
N GLY C 400 -10.77 1.19 16.93
CA GLY C 400 -11.87 2.13 16.69
C GLY C 400 -12.94 1.61 15.74
N VAL C 401 -13.20 0.31 15.80
CA VAL C 401 -14.25 -0.28 14.96
C VAL C 401 -15.49 -0.57 15.81
N LYS C 402 -16.61 -0.89 15.15
CA LYS C 402 -17.86 -1.14 15.87
C LYS C 402 -17.64 -2.15 17.00
N MET C 403 -18.09 -1.79 18.20
CA MET C 403 -17.91 -2.65 19.37
C MET C 403 -18.81 -3.89 19.28
N PRO C 404 -18.34 -5.04 19.80
CA PRO C 404 -19.23 -6.21 19.81
C PRO C 404 -20.39 -6.06 20.79
N GLU C 405 -21.44 -6.86 20.58
CA GLU C 405 -22.65 -6.84 21.40
C GLU C 405 -22.37 -7.34 22.83
N TYR C 406 -21.31 -8.13 22.99
CA TYR C 406 -20.89 -8.65 24.29
C TYR C 406 -19.42 -8.37 24.53
N GLY C 407 -19.04 -8.29 25.79
CA GLY C 407 -17.64 -8.07 26.18
C GLY C 407 -17.36 -6.69 26.71
N THR C 408 -16.46 -6.61 27.69
CA THR C 408 -16.02 -5.35 28.26
C THR C 408 -14.52 -5.22 28.00
N SER C 409 -14.14 -4.15 27.33
CA SER C 409 -12.76 -3.88 27.00
C SER C 409 -11.91 -3.64 28.23
N PHE C 410 -10.71 -4.22 28.24
CA PHE C 410 -9.72 -3.92 29.29
C PHE C 410 -8.56 -3.05 28.76
N LEU C 411 -8.75 -2.44 27.60
CA LEU C 411 -7.70 -1.65 26.96
C LEU C 411 -7.14 -0.55 27.87
N ASN C 412 -8.02 0.25 28.47
CA ASN C 412 -7.60 1.35 29.33
C ASN C 412 -7.01 0.89 30.66
N GLU C 413 -7.35 -0.32 31.08
CA GLU C 413 -6.78 -0.93 32.29
C GLU C 413 -5.31 -1.32 32.10
N LEU C 414 -4.86 -1.35 30.84
CA LEU C 414 -3.49 -1.75 30.51
C LEU C 414 -2.49 -0.61 30.72
#